data_6LWQ
#
_entry.id   6LWQ
#
_cell.length_a   74.075
_cell.length_b   109.230
_cell.length_c   171.985
_cell.angle_alpha   90.000
_cell.angle_beta   90.000
_cell.angle_gamma   90.000
#
_symmetry.space_group_name_H-M   'P 21 21 21'
#
loop_
_entity.id
_entity.type
_entity.pdbx_description
1 polymer 'Endonuclease 8-like 1'
2 polymer "DNA (5'-D(*CP*GP*TP*CP*CP*AP*TP*GP*TP*CP*TP*AP*C)-3')"
3 polymer "DNA (5'-D(*TP*AP*GP*AP*CP*CP*TP*GP*GP*AP*CP*GP*G)-3')"
4 water water
#
loop_
_entity_poly.entity_id
_entity_poly.type
_entity_poly.pdbx_seq_one_letter_code
_entity_poly.pdbx_strand_id
1 'polypeptide(L)'
;MPEGPELHLASQFVNEACRALVFGGCVEKSSVSRNPEVPFESSAYRISASARGKELRLILSPLPGAQPQQEPLALVFRFG
MSGSFQLVPREELPRHAHLRFYTAPPGPRLALCFVDIRRFGRWDLGGKWQPGRGPCVLQEYQQFRENVLRNLADKAFDRP
ICEALLDQRFFNGIGNYLRAEILYRLKIPPFEKARSVLEALQQHRPSPELTLSQKIRTKLQNPDLLELCHSVPKEVVQLG
GRGYGSESGEEDFAAFRAWLRCYGMPGMSSLQDRHGRTIWFQGDPGPLAPKGRKS
;
A,D,G
2 'polydeoxyribonucleotide' (DC)(DG)(DT)(DC)(DC)(DA)(DT)(DG)(DT)(DC)(DT)(DA)(DC) B,E,H
3 'polydeoxyribonucleotide' (DT)(DA)(DG)(DA)(DC)(DC)(DT)(DG)(DG)(DA)(DC)(DG)(DG) C,F,I
#
loop_
_chem_comp.id
_chem_comp.type
_chem_comp.name
_chem_comp.formula
DA DNA linking 2'-DEOXYADENOSINE-5'-MONOPHOSPHATE 'C10 H14 N5 O6 P'
DC DNA linking 2'-DEOXYCYTIDINE-5'-MONOPHOSPHATE 'C9 H14 N3 O7 P'
DG DNA linking 2'-DEOXYGUANOSINE-5'-MONOPHOSPHATE 'C10 H14 N5 O7 P'
DT DNA linking THYMIDINE-5'-MONOPHOSPHATE 'C10 H15 N2 O8 P'
#
# COMPACT_ATOMS: atom_id res chain seq x y z
N PRO A 2 -13.14 22.88 3.84
CA PRO A 2 -12.16 22.38 4.84
C PRO A 2 -10.89 21.73 4.29
N GLU A 3 -9.77 22.03 4.97
CA GLU A 3 -8.41 21.47 4.74
C GLU A 3 -8.01 20.71 6.01
N GLY A 4 -6.81 20.17 6.04
CA GLY A 4 -6.40 19.19 7.06
C GLY A 4 -6.77 19.61 8.48
N PRO A 5 -6.49 20.85 8.91
CA PRO A 5 -6.73 21.23 10.30
C PRO A 5 -8.22 21.11 10.71
N GLU A 6 -9.09 21.52 9.80
CA GLU A 6 -10.55 21.44 9.96
C GLU A 6 -10.92 19.96 10.13
N LEU A 7 -10.37 19.06 9.29
CA LEU A 7 -10.70 17.60 9.39
C LEU A 7 -10.22 17.07 10.73
N HIS A 8 -9.06 17.55 11.15
CA HIS A 8 -8.45 17.11 12.43
C HIS A 8 -9.38 17.55 13.57
N LEU A 9 -9.75 18.82 13.64
CA LEU A 9 -10.51 19.35 14.81
C LEU A 9 -11.91 18.71 14.80
N ALA A 10 -12.47 18.46 13.62
CA ALA A 10 -13.74 17.71 13.46
C ALA A 10 -13.59 16.34 14.12
N SER A 11 -12.48 15.64 13.87
CA SER A 11 -12.18 14.32 14.44
C SER A 11 -12.20 14.46 15.97
N GLN A 12 -11.52 15.47 16.51
CA GLN A 12 -11.39 15.74 17.95
C GLN A 12 -12.78 16.07 18.48
N PHE A 13 -13.54 16.90 17.77
CA PHE A 13 -14.92 17.30 18.16
C PHE A 13 -15.74 16.03 18.35
N VAL A 14 -15.77 15.16 17.33
CA VAL A 14 -16.54 13.88 17.40
C VAL A 14 -16.08 13.10 18.63
N ASN A 15 -14.79 12.92 18.88
CA ASN A 15 -14.30 12.04 19.97
C ASN A 15 -14.70 12.62 21.33
N GLU A 16 -14.55 13.92 21.54
CA GLU A 16 -14.72 14.59 22.85
C GLU A 16 -16.21 14.64 23.18
N ALA A 17 -17.04 15.00 22.19
CA ALA A 17 -18.49 15.13 22.29
C ALA A 17 -19.10 13.76 22.51
N CYS A 18 -18.63 12.75 21.80
CA CYS A 18 -19.23 11.39 21.80
C CYS A 18 -18.50 10.40 22.70
N ARG A 19 -17.59 10.89 23.58
CA ARG A 19 -16.99 10.09 24.67
C ARG A 19 -18.08 9.42 25.53
N ALA A 20 -19.06 10.19 26.09
CA ALA A 20 -20.01 9.74 27.12
C ALA A 20 -21.37 9.40 26.49
N LEU A 21 -21.45 9.43 25.15
CA LEU A 21 -22.76 9.25 24.45
C LEU A 21 -22.87 7.81 23.97
N VAL A 22 -24.04 7.19 24.11
CA VAL A 22 -24.36 5.90 23.45
C VAL A 22 -25.34 6.22 22.33
N PHE A 23 -25.07 5.69 21.15
CA PHE A 23 -25.95 5.83 19.96
C PHE A 23 -26.77 4.55 19.88
N GLY A 24 -27.90 4.60 19.19
CA GLY A 24 -28.85 3.50 19.02
C GLY A 24 -29.62 3.60 17.70
N GLY A 25 -29.88 2.46 17.07
CA GLY A 25 -30.81 2.37 15.95
C GLY A 25 -30.09 2.40 14.64
N CYS A 26 -30.71 3.03 13.64
CA CYS A 26 -30.23 3.12 12.24
C CYS A 26 -29.43 4.40 12.03
N VAL A 27 -28.65 4.41 10.96
CA VAL A 27 -27.89 5.60 10.49
C VAL A 27 -28.67 6.19 9.33
N GLU A 28 -29.18 7.41 9.48
CA GLU A 28 -30.22 7.96 8.58
C GLU A 28 -29.65 8.93 7.56
N LYS A 29 -30.05 8.79 6.28
CA LYS A 29 -29.53 9.62 5.18
C LYS A 29 -30.66 10.48 4.64
N SER A 30 -30.46 11.79 4.57
CA SER A 30 -31.34 12.70 3.78
C SER A 30 -31.60 12.06 2.41
N SER A 31 -32.81 12.19 1.87
CA SER A 31 -33.19 11.45 0.64
C SER A 31 -32.82 12.29 -0.59
N VAL A 32 -31.97 13.30 -0.39
CA VAL A 32 -31.41 14.15 -1.48
C VAL A 32 -29.90 13.91 -1.61
N SER A 33 -29.28 13.14 -0.71
CA SER A 33 -27.83 12.80 -0.77
C SER A 33 -27.62 11.56 -1.65
N ARG A 34 -26.97 11.77 -2.79
CA ARG A 34 -26.45 10.74 -3.74
C ARG A 34 -25.45 9.77 -3.08
N ASN A 35 -24.87 10.10 -1.94
CA ASN A 35 -23.94 9.19 -1.22
C ASN A 35 -24.70 7.96 -0.76
N PRO A 36 -24.03 6.81 -0.50
CA PRO A 36 -24.72 5.56 -0.25
C PRO A 36 -25.41 5.51 1.13
N GLU A 37 -26.49 4.73 1.23
CA GLU A 37 -27.11 4.36 2.54
C GLU A 37 -26.06 3.53 3.32
N VAL A 38 -26.01 3.74 4.63
CA VAL A 38 -25.09 3.11 5.62
C VAL A 38 -25.81 1.97 6.30
N PRO A 39 -25.66 0.70 5.88
CA PRO A 39 -26.44 -0.40 6.44
C PRO A 39 -25.93 -0.76 7.84
N PHE A 40 -26.56 -0.23 8.89
CA PHE A 40 -26.07 -0.38 10.30
C PHE A 40 -27.22 -0.13 11.28
N GLU A 41 -27.48 -1.11 12.15
CA GLU A 41 -28.42 -0.99 13.28
C GLU A 41 -27.78 -1.68 14.49
N SER A 42 -27.78 -1.00 15.66
CA SER A 42 -27.33 -1.48 16.99
C SER A 42 -28.20 -0.87 18.09
N SER A 43 -28.53 -1.63 19.12
CA SER A 43 -29.29 -1.10 20.28
C SER A 43 -28.39 -0.13 21.05
N ALA A 44 -27.08 -0.29 20.97
CA ALA A 44 -26.09 0.48 21.76
C ALA A 44 -24.78 0.49 21.00
N TYR A 45 -24.28 1.66 20.62
CA TYR A 45 -22.98 1.79 19.96
C TYR A 45 -22.38 3.15 20.32
N ARG A 46 -21.04 3.21 20.41
CA ARG A 46 -20.24 4.44 20.55
C ARG A 46 -19.57 4.78 19.21
N ILE A 47 -19.25 6.06 19.05
CA ILE A 47 -18.72 6.65 17.79
C ILE A 47 -17.39 7.32 18.12
N SER A 48 -16.33 6.95 17.42
CA SER A 48 -14.97 7.55 17.56
C SER A 48 -14.56 8.01 16.17
N ALA A 49 -13.55 8.87 16.11
CA ALA A 49 -13.03 9.42 14.85
C ALA A 49 -11.50 9.54 14.91
N SER A 50 -10.90 9.43 13.74
CA SER A 50 -9.50 9.82 13.47
C SER A 50 -9.49 10.49 12.11
N ALA A 51 -8.43 11.24 11.80
CA ALA A 51 -8.31 12.04 10.57
C ALA A 51 -6.97 11.79 9.91
N ARG A 52 -6.94 11.83 8.58
CA ARG A 52 -5.74 11.63 7.74
C ARG A 52 -5.79 12.64 6.59
N GLY A 53 -4.98 13.67 6.68
CA GLY A 53 -5.04 14.78 5.70
C GLY A 53 -6.48 15.25 5.55
N LYS A 54 -7.04 15.13 4.35
CA LYS A 54 -8.36 15.75 4.02
C LYS A 54 -9.51 14.72 4.14
N GLU A 55 -9.31 13.67 4.92
CA GLU A 55 -10.29 12.56 5.14
C GLU A 55 -10.47 12.36 6.64
N LEU A 56 -11.65 11.90 7.03
CA LEU A 56 -11.95 11.59 8.44
C LEU A 56 -12.59 10.21 8.46
N ARG A 57 -12.30 9.41 9.47
CA ARG A 57 -12.87 8.06 9.56
C ARG A 57 -13.70 7.97 10.85
N LEU A 58 -15.00 7.71 10.76
CA LEU A 58 -15.83 7.36 11.93
C LEU A 58 -15.75 5.86 12.10
N ILE A 59 -15.71 5.38 13.35
CA ILE A 59 -15.89 3.95 13.72
C ILE A 59 -17.11 3.86 14.64
N LEU A 60 -18.10 3.06 14.24
CA LEU A 60 -19.35 2.73 15.00
C LEU A 60 -19.18 1.37 15.69
N SER A 61 -19.08 1.38 17.02
CA SER A 61 -18.67 0.24 17.87
C SER A 61 -19.81 -0.18 18.79
N PRO A 62 -20.62 -1.21 18.39
CA PRO A 62 -21.70 -1.70 19.24
C PRO A 62 -21.09 -2.04 20.59
N LEU A 63 -21.85 -1.84 21.67
CA LEU A 63 -21.44 -2.25 23.04
C LEU A 63 -21.67 -3.75 23.14
N PRO A 64 -21.11 -4.37 24.20
CA PRO A 64 -21.39 -5.77 24.52
C PRO A 64 -22.89 -6.00 24.62
N GLY A 65 -23.35 -7.01 23.89
CA GLY A 65 -24.72 -7.56 24.00
C GLY A 65 -25.74 -6.72 23.27
N ALA A 66 -25.29 -5.72 22.55
CA ALA A 66 -26.15 -4.90 21.77
C ALA A 66 -26.76 -5.76 20.71
N GLN A 67 -27.94 -5.39 20.23
CA GLN A 67 -28.54 -6.19 19.21
C GLN A 67 -28.91 -5.31 18.07
N PRO A 68 -28.96 -5.86 16.85
CA PRO A 68 -28.40 -7.07 16.24
C PRO A 68 -26.93 -7.31 16.47
N GLN A 69 -26.49 -8.55 16.39
CA GLN A 69 -25.08 -8.85 16.60
C GLN A 69 -24.38 -8.13 15.50
N GLN A 70 -23.40 -7.30 15.87
CA GLN A 70 -22.73 -6.53 14.87
C GLN A 70 -21.28 -6.27 15.14
N GLU A 71 -20.52 -6.30 14.07
CA GLU A 71 -19.08 -5.97 14.11
C GLU A 71 -18.99 -4.46 13.96
N PRO A 72 -17.93 -3.81 14.50
CA PRO A 72 -17.71 -2.39 14.25
C PRO A 72 -17.79 -2.09 12.74
N LEU A 73 -18.19 -0.86 12.37
CA LEU A 73 -18.28 -0.42 10.95
C LEU A 73 -17.55 0.92 10.84
N ALA A 74 -16.65 1.01 9.87
CA ALA A 74 -15.90 2.23 9.54
C ALA A 74 -16.53 2.87 8.31
N LEU A 75 -16.74 4.19 8.38
CA LEU A 75 -17.07 5.05 7.23
C LEU A 75 -15.95 6.07 7.10
N VAL A 76 -15.60 6.44 5.87
CA VAL A 76 -14.60 7.50 5.63
C VAL A 76 -15.30 8.66 4.91
N PHE A 77 -15.15 9.86 5.44
CA PHE A 77 -15.74 11.09 4.89
C PHE A 77 -14.68 11.95 4.19
N ARG A 78 -15.06 12.59 3.10
CA ARG A 78 -14.38 13.78 2.54
C ARG A 78 -15.40 14.91 2.53
N PHE A 79 -15.00 16.14 2.87
CA PHE A 79 -15.97 17.25 3.22
C PHE A 79 -16.16 18.23 2.06
N GLY A 80 -15.40 18.07 0.96
CA GLY A 80 -15.48 19.04 -0.14
C GLY A 80 -15.36 20.47 0.38
N MET A 81 -16.27 21.36 -0.03
CA MET A 81 -16.14 22.81 0.22
C MET A 81 -16.87 23.21 1.50
N SER A 82 -17.84 22.43 1.99
CA SER A 82 -18.75 22.88 3.08
C SER A 82 -18.97 21.87 4.22
N GLY A 83 -18.59 20.60 4.08
CA GLY A 83 -18.92 19.61 5.10
C GLY A 83 -18.55 20.11 6.49
N SER A 84 -18.97 19.33 7.47
CA SER A 84 -18.94 19.71 8.91
C SER A 84 -19.51 18.55 9.73
N PHE A 85 -19.16 18.41 11.01
CA PHE A 85 -19.91 17.55 11.96
C PHE A 85 -20.51 18.42 13.06
N GLN A 86 -21.75 18.13 13.46
CA GLN A 86 -22.44 18.91 14.52
C GLN A 86 -23.25 17.98 15.41
N LEU A 87 -23.14 18.18 16.73
CA LEU A 87 -24.03 17.55 17.72
C LEU A 87 -25.18 18.53 17.98
N VAL A 88 -26.43 18.14 17.67
CA VAL A 88 -27.63 18.99 17.84
C VAL A 88 -28.72 18.23 18.57
N PRO A 89 -29.73 18.97 19.10
CA PRO A 89 -30.99 18.38 19.55
C PRO A 89 -31.74 17.66 18.42
N ARG A 90 -32.05 16.37 18.63
CA ARG A 90 -32.70 15.43 17.67
C ARG A 90 -33.85 16.14 16.91
N GLU A 91 -34.46 17.17 17.51
CA GLU A 91 -35.61 17.89 16.89
C GLU A 91 -35.19 19.27 16.35
N GLU A 92 -33.89 19.52 16.16
CA GLU A 92 -33.37 20.79 15.58
C GLU A 92 -32.29 20.46 14.55
N LEU A 93 -32.50 19.39 13.75
CA LEU A 93 -31.60 19.05 12.62
C LEU A 93 -31.39 20.34 11.84
N PRO A 94 -30.13 20.75 11.57
CA PRO A 94 -29.86 21.83 10.63
C PRO A 94 -30.42 21.51 9.23
N ARG A 95 -30.66 22.56 8.43
CA ARG A 95 -30.72 22.38 6.96
C ARG A 95 -29.39 21.71 6.51
N HIS A 96 -29.51 20.67 5.68
CA HIS A 96 -28.38 20.01 5.00
C HIS A 96 -27.65 19.03 5.93
N ALA A 97 -28.27 18.59 7.03
CA ALA A 97 -27.84 17.39 7.79
C ALA A 97 -28.16 16.17 6.92
N HIS A 98 -27.15 15.64 6.22
CA HIS A 98 -27.29 14.62 5.15
C HIS A 98 -27.06 13.21 5.71
N LEU A 99 -26.39 13.07 6.86
CA LEU A 99 -26.23 11.74 7.55
C LEU A 99 -26.23 11.91 9.07
N ARG A 100 -26.94 11.03 9.79
CA ARG A 100 -27.43 11.37 11.18
C ARG A 100 -27.50 10.17 12.13
N PHE A 101 -26.83 10.30 13.27
CA PHE A 101 -26.57 9.23 14.25
C PHE A 101 -27.20 9.72 15.53
N TYR A 102 -28.09 8.91 16.09
CA TYR A 102 -29.10 9.31 17.11
C TYR A 102 -28.78 8.61 18.42
N THR A 103 -28.79 9.36 19.50
CA THR A 103 -28.42 8.87 20.84
C THR A 103 -29.56 8.03 21.38
N ALA A 104 -29.27 6.90 22.02
CA ALA A 104 -30.30 6.11 22.76
C ALA A 104 -30.50 6.71 24.15
N PRO A 105 -31.66 6.50 24.79
CA PRO A 105 -31.83 6.96 26.18
C PRO A 105 -31.18 6.12 27.29
N PRO A 106 -30.58 6.86 28.26
CA PRO A 106 -31.31 7.83 29.05
C PRO A 106 -30.69 9.11 28.47
N GLY A 107 -30.91 10.27 29.06
CA GLY A 107 -30.31 11.54 28.63
C GLY A 107 -31.11 12.19 27.50
N PRO A 108 -30.82 13.46 27.15
CA PRO A 108 -31.63 14.18 26.16
C PRO A 108 -31.17 13.77 24.74
N ARG A 109 -32.16 13.45 23.90
CA ARG A 109 -32.07 12.83 22.55
C ARG A 109 -31.22 13.74 21.66
N LEU A 110 -30.08 13.26 21.15
CA LEU A 110 -29.12 14.04 20.30
C LEU A 110 -28.76 13.33 18.97
N ALA A 111 -28.47 14.18 17.98
CA ALA A 111 -28.11 13.77 16.61
C ALA A 111 -26.72 14.32 16.34
N LEU A 112 -25.72 13.43 16.20
CA LEU A 112 -24.45 13.73 15.48
C LEU A 112 -24.79 13.72 13.99
N CYS A 113 -24.67 14.87 13.34
CA CYS A 113 -25.06 15.08 11.92
C CYS A 113 -23.82 15.45 11.11
N PHE A 114 -23.69 14.79 9.97
CA PHE A 114 -22.82 15.23 8.86
C PHE A 114 -23.57 16.29 8.04
N VAL A 115 -23.16 17.54 8.21
CA VAL A 115 -23.78 18.75 7.60
C VAL A 115 -22.89 19.15 6.43
N ASP A 116 -23.48 19.34 5.24
CA ASP A 116 -22.77 19.58 3.97
C ASP A 116 -23.71 20.36 3.05
N ILE A 117 -23.75 21.68 3.24
CA ILE A 117 -24.64 22.62 2.50
C ILE A 117 -24.64 22.27 1.02
N ARG A 118 -23.44 22.12 0.42
CA ARG A 118 -23.22 22.15 -1.06
C ARG A 118 -23.25 20.74 -1.67
N ARG A 119 -23.07 19.70 -0.85
CA ARG A 119 -23.04 18.28 -1.28
C ARG A 119 -21.82 18.01 -2.19
N PHE A 120 -20.68 18.60 -1.87
CA PHE A 120 -19.41 18.20 -2.53
C PHE A 120 -18.73 17.12 -1.68
N GLY A 121 -19.06 17.05 -0.40
CA GLY A 121 -18.64 15.95 0.46
C GLY A 121 -19.08 14.62 -0.11
N ARG A 122 -18.47 13.54 0.39
CA ARG A 122 -18.69 12.15 -0.10
C ARG A 122 -18.38 11.21 1.08
N TRP A 123 -19.03 10.04 1.16
CA TRP A 123 -18.65 8.98 2.12
C TRP A 123 -18.76 7.59 1.49
N ASP A 124 -17.95 6.64 1.98
CA ASP A 124 -17.82 5.25 1.47
C ASP A 124 -17.96 4.26 2.61
N LEU A 125 -18.43 3.07 2.33
CA LEU A 125 -18.60 2.01 3.36
C LEU A 125 -17.24 1.37 3.69
N GLY A 126 -16.30 1.36 2.74
CA GLY A 126 -15.02 0.62 2.83
C GLY A 126 -14.25 0.73 4.16
N GLY A 127 -14.39 1.82 4.93
CA GLY A 127 -13.51 2.13 6.08
C GLY A 127 -12.06 2.47 5.68
N LYS A 128 -11.69 2.47 4.41
CA LYS A 128 -10.28 2.60 3.98
C LYS A 128 -10.04 4.04 3.46
N TRP A 129 -8.82 4.54 3.64
CA TRP A 129 -8.36 5.85 3.12
C TRP A 129 -8.30 5.75 1.59
N GLN A 130 -8.31 6.87 0.91
CA GLN A 130 -8.43 6.88 -0.57
C GLN A 130 -7.14 6.30 -1.16
N PRO A 131 -7.23 5.28 -2.03
CA PRO A 131 -6.04 4.77 -2.68
C PRO A 131 -5.42 5.97 -3.40
N GLY A 132 -4.11 6.17 -3.26
CA GLY A 132 -3.41 7.25 -3.97
C GLY A 132 -3.12 8.45 -3.09
N ARG A 133 -3.94 8.73 -2.08
CA ARG A 133 -3.65 9.90 -1.22
C ARG A 133 -2.33 9.72 -0.47
N GLY A 134 -1.53 10.76 -0.47
CA GLY A 134 -0.27 10.83 0.29
C GLY A 134 -0.50 10.68 1.78
N PRO A 135 0.58 10.52 2.58
CA PRO A 135 0.46 10.45 4.04
C PRO A 135 -0.03 11.81 4.55
N CYS A 136 -0.53 11.84 5.80
CA CYS A 136 -1.07 13.05 6.41
C CYS A 136 0.06 13.99 6.82
N VAL A 137 0.09 15.22 6.30
CA VAL A 137 1.12 16.22 6.67
C VAL A 137 1.09 16.52 8.16
N LEU A 138 -0.05 16.30 8.83
CA LEU A 138 -0.12 16.61 10.29
C LEU A 138 0.38 15.40 11.05
N GLN A 139 -0.04 14.18 10.74
CA GLN A 139 0.16 13.02 11.64
C GLN A 139 1.18 12.01 11.10
N GLU A 140 1.56 12.10 9.83
CA GLU A 140 2.57 11.19 9.25
C GLU A 140 3.67 12.04 8.63
N TYR A 141 4.17 13.03 9.34
CA TYR A 141 5.14 14.01 8.78
C TYR A 141 6.32 13.29 8.11
N GLN A 142 7.05 12.44 8.82
CA GLN A 142 8.27 11.78 8.25
C GLN A 142 7.84 11.00 7.00
N GLN A 143 6.70 10.30 7.06
CA GLN A 143 6.22 9.52 5.90
C GLN A 143 5.95 10.49 4.74
N PHE A 144 5.22 11.57 5.03
CA PHE A 144 4.87 12.65 4.09
C PHE A 144 6.13 13.17 3.43
N ARG A 145 7.15 13.53 4.22
CA ARG A 145 8.42 14.14 3.74
C ARG A 145 9.10 13.19 2.74
N GLU A 146 9.29 11.94 3.16
CA GLU A 146 9.96 10.87 2.38
C GLU A 146 9.16 10.65 1.09
N ASN A 147 7.82 10.69 1.16
CA ASN A 147 6.99 10.31 -0.03
C ASN A 147 7.15 11.33 -1.14
N VAL A 148 7.55 12.55 -0.80
CA VAL A 148 7.83 13.64 -1.78
C VAL A 148 9.24 13.44 -2.37
N LEU A 149 10.27 13.53 -1.53
CA LEU A 149 11.72 13.54 -1.88
C LEU A 149 12.08 12.28 -2.69
N ARG A 150 11.47 11.14 -2.40
CA ARG A 150 11.63 9.89 -3.21
C ARG A 150 11.06 10.05 -4.62
N ASN A 151 10.09 10.94 -4.85
CA ASN A 151 9.30 10.93 -6.09
C ASN A 151 9.36 12.28 -6.83
N LEU A 152 10.42 13.08 -6.71
CA LEU A 152 10.51 14.37 -7.46
C LEU A 152 10.49 14.10 -8.97
N ALA A 153 10.76 12.86 -9.39
CA ALA A 153 10.81 12.43 -10.81
C ALA A 153 9.41 12.58 -11.41
N ASP A 154 8.39 12.29 -10.61
CA ASP A 154 6.95 12.35 -10.97
C ASP A 154 6.62 13.66 -11.69
N LYS A 155 5.80 13.60 -12.76
CA LYS A 155 5.49 14.78 -13.62
C LYS A 155 4.83 15.86 -12.76
N ALA A 156 4.15 15.46 -11.67
CA ALA A 156 3.52 16.35 -10.68
C ALA A 156 4.39 17.56 -10.38
N PHE A 157 5.71 17.38 -10.33
CA PHE A 157 6.68 18.39 -9.84
C PHE A 157 7.17 19.24 -11.00
N ASP A 158 6.71 18.99 -12.22
CA ASP A 158 6.90 19.91 -13.38
C ASP A 158 6.08 21.15 -13.11
N ARG A 159 4.91 20.96 -12.52
CA ARG A 159 3.92 22.03 -12.26
C ARG A 159 4.56 23.09 -11.36
N PRO A 160 3.99 24.32 -11.33
CA PRO A 160 4.39 25.32 -10.36
C PRO A 160 4.08 24.87 -8.92
N ILE A 161 4.80 25.47 -7.98
CA ILE A 161 4.79 24.98 -6.57
C ILE A 161 3.42 25.24 -5.99
N CYS A 162 2.79 26.39 -6.32
CA CYS A 162 1.43 26.71 -5.82
C CYS A 162 0.48 25.61 -6.26
N GLU A 163 0.71 24.96 -7.41
CA GLU A 163 -0.16 23.87 -7.94
C GLU A 163 0.20 22.55 -7.27
N ALA A 164 1.48 22.14 -7.23
CA ALA A 164 1.87 20.82 -6.67
C ALA A 164 1.29 20.65 -5.26
N LEU A 165 1.26 21.72 -4.45
CA LEU A 165 0.88 21.71 -3.02
C LEU A 165 -0.59 21.31 -2.83
N LEU A 166 -1.39 21.32 -3.90
CA LEU A 166 -2.82 20.91 -3.84
C LEU A 166 -2.95 19.48 -4.30
N ASP A 167 -1.91 18.88 -4.92
CA ASP A 167 -1.95 17.47 -5.34
C ASP A 167 -1.95 16.64 -4.07
N GLN A 168 -3.08 16.03 -3.72
CA GLN A 168 -3.28 15.30 -2.45
C GLN A 168 -2.52 13.98 -2.48
N ARG A 169 -1.93 13.62 -3.61
CA ARG A 169 -1.09 12.42 -3.67
C ARG A 169 0.19 12.66 -2.88
N PHE A 170 0.65 13.90 -2.76
CA PHE A 170 1.91 14.23 -2.03
C PHE A 170 1.67 15.17 -0.85
N PHE A 171 0.59 15.93 -0.87
CA PHE A 171 0.32 16.95 0.16
C PHE A 171 -1.12 16.81 0.69
N ASN A 172 -1.51 15.58 1.01
CA ASN A 172 -2.78 15.23 1.70
C ASN A 172 -2.98 16.19 2.85
N GLY A 173 -3.97 17.08 2.77
CA GLY A 173 -4.33 17.98 3.88
C GLY A 173 -4.07 19.43 3.55
N ILE A 174 -3.18 19.71 2.61
CA ILE A 174 -2.94 21.10 2.12
C ILE A 174 -4.02 21.49 1.11
N GLY A 175 -4.63 22.64 1.32
CA GLY A 175 -5.59 23.27 0.39
C GLY A 175 -5.29 24.75 0.22
N ASN A 176 -6.25 25.48 -0.33
CA ASN A 176 -5.95 26.74 -1.05
C ASN A 176 -5.53 27.84 -0.06
N TYR A 177 -6.00 27.80 1.19
CA TYR A 177 -5.59 28.80 2.20
C TYR A 177 -4.20 28.42 2.72
N LEU A 178 -3.95 27.14 3.00
CA LEU A 178 -2.62 26.70 3.51
C LEU A 178 -1.52 26.93 2.47
N ARG A 179 -1.76 26.68 1.18
CA ARG A 179 -0.63 26.84 0.21
C ARG A 179 -0.18 28.31 0.21
N ALA A 180 -1.13 29.24 0.27
CA ALA A 180 -0.92 30.71 0.30
C ALA A 180 -0.10 31.05 1.56
N GLU A 181 -0.59 30.56 2.69
CA GLU A 181 0.02 30.83 4.00
C GLU A 181 1.45 30.28 4.03
N ILE A 182 1.65 29.08 3.49
CA ILE A 182 2.95 28.35 3.56
C ILE A 182 3.97 29.14 2.75
N LEU A 183 3.68 29.42 1.49
CA LEU A 183 4.66 30.08 0.59
C LEU A 183 4.98 31.47 1.18
N TYR A 184 4.00 32.15 1.74
CA TYR A 184 4.22 33.51 2.28
C TYR A 184 5.34 33.40 3.32
N ARG A 185 5.28 32.41 4.21
CA ARG A 185 6.25 32.22 5.32
C ARG A 185 7.68 32.20 4.78
N LEU A 186 7.91 31.64 3.59
CA LEU A 186 9.26 31.49 2.99
C LEU A 186 9.42 32.42 1.79
N LYS A 187 8.38 33.19 1.45
CA LYS A 187 8.37 34.14 0.31
C LYS A 187 8.84 33.45 -0.97
N ILE A 188 8.52 32.17 -1.15
CA ILE A 188 8.73 31.45 -2.42
C ILE A 188 7.67 31.93 -3.39
N PRO A 189 8.06 32.45 -4.56
CA PRO A 189 7.10 32.74 -5.60
C PRO A 189 6.22 31.52 -5.88
N PRO A 190 4.89 31.71 -5.97
CA PRO A 190 3.99 30.61 -6.21
C PRO A 190 4.16 29.91 -7.56
N PHE A 191 4.72 30.58 -8.56
CA PHE A 191 4.87 30.01 -9.93
C PHE A 191 6.35 29.63 -10.18
N GLU A 192 7.17 29.67 -9.15
CA GLU A 192 8.44 28.91 -9.10
C GLU A 192 8.06 27.44 -9.32
N LYS A 193 8.95 26.70 -10.02
CA LYS A 193 8.70 25.30 -10.42
C LYS A 193 8.91 24.42 -9.19
N ALA A 194 8.01 23.48 -8.94
CA ALA A 194 7.99 22.69 -7.69
C ALA A 194 9.28 21.88 -7.57
N ARG A 195 9.78 21.28 -8.66
CA ARG A 195 11.02 20.46 -8.61
C ARG A 195 12.21 21.32 -8.16
N SER A 196 12.42 22.51 -8.71
CA SER A 196 13.49 23.48 -8.29
C SER A 196 13.51 23.68 -6.76
N VAL A 197 12.36 23.97 -6.16
CA VAL A 197 12.21 24.36 -4.73
C VAL A 197 12.44 23.12 -3.86
N LEU A 198 12.12 21.91 -4.35
CA LEU A 198 12.19 20.64 -3.57
C LEU A 198 13.59 19.98 -3.73
N GLU A 199 14.17 20.03 -4.95
CA GLU A 199 15.47 19.36 -5.26
C GLU A 199 16.49 19.81 -4.21
N ALA A 200 16.43 21.10 -3.86
CA ALA A 200 17.33 21.80 -2.89
C ALA A 200 17.49 21.02 -1.56
N LEU A 201 16.44 20.39 -1.00
CA LEU A 201 16.52 19.92 0.41
C LEU A 201 16.71 18.39 0.45
N GLN A 202 17.10 17.78 -0.67
CA GLN A 202 16.85 16.33 -0.91
C GLN A 202 17.59 15.45 0.11
N ASN A 222 14.24 29.52 10.23
CA ASN A 222 14.98 28.73 9.20
C ASN A 222 14.30 27.40 8.81
N PRO A 223 12.96 27.16 8.92
CA PRO A 223 12.40 25.88 8.51
C PRO A 223 12.12 25.87 6.99
N ASP A 224 12.16 24.69 6.37
CA ASP A 224 12.09 24.52 4.89
C ASP A 224 10.63 24.26 4.47
N LEU A 225 10.39 24.12 3.17
CA LEU A 225 9.02 24.05 2.62
C LEU A 225 8.26 22.89 3.25
N LEU A 226 8.90 21.73 3.45
CA LEU A 226 8.17 20.51 3.87
C LEU A 226 7.94 20.59 5.39
N GLU A 227 8.88 21.15 6.16
CA GLU A 227 8.69 21.43 7.62
C GLU A 227 7.41 22.24 7.82
N LEU A 228 7.18 23.27 7.01
CA LEU A 228 6.04 24.21 7.17
C LEU A 228 4.73 23.51 6.79
N CYS A 229 4.71 22.67 5.76
CA CYS A 229 3.53 21.85 5.34
C CYS A 229 2.99 21.06 6.53
N HIS A 230 3.84 20.77 7.51
CA HIS A 230 3.44 20.16 8.80
C HIS A 230 3.09 21.25 9.82
N SER A 231 3.99 22.19 10.07
CA SER A 231 3.97 23.05 11.27
C SER A 231 2.92 24.15 11.10
N VAL A 232 2.74 24.65 9.88
CA VAL A 232 1.76 25.76 9.64
C VAL A 232 0.33 25.25 9.89
N PRO A 233 -0.16 24.19 9.23
CA PRO A 233 -1.46 23.65 9.59
C PRO A 233 -1.55 23.22 11.05
N LYS A 234 -0.44 22.88 11.70
CA LYS A 234 -0.45 22.46 13.11
C LYS A 234 -0.74 23.70 13.98
N GLU A 235 -0.43 24.91 13.49
CA GLU A 235 -0.71 26.20 14.19
C GLU A 235 -2.21 26.44 14.19
N VAL A 236 -2.87 26.11 13.08
CA VAL A 236 -4.36 26.18 12.97
C VAL A 236 -4.95 25.25 14.01
N VAL A 237 -4.42 24.03 14.17
CA VAL A 237 -4.98 23.01 15.09
C VAL A 237 -4.85 23.49 16.54
N GLN A 238 -3.81 24.28 16.82
CA GLN A 238 -3.48 24.68 18.21
C GLN A 238 -4.07 26.06 18.47
N LEU A 239 -5.03 26.56 17.67
CA LEU A 239 -5.85 27.73 18.07
C LEU A 239 -6.94 27.24 18.99
N GLY A 240 -7.17 25.93 19.00
CA GLY A 240 -8.45 25.29 19.36
C GLY A 240 -9.38 25.58 18.20
N GLY A 241 -10.54 26.16 18.50
CA GLY A 241 -11.51 26.57 17.48
C GLY A 241 -11.76 25.45 16.51
N ARG A 242 -12.26 25.78 15.32
CA ARG A 242 -12.61 24.77 14.30
C ARG A 242 -11.87 25.16 13.01
N GLY A 243 -10.64 25.67 13.17
CA GLY A 243 -9.87 26.27 12.07
C GLY A 243 -10.75 27.22 11.29
N TYR A 244 -10.55 27.33 9.98
CA TYR A 244 -11.47 28.09 9.11
C TYR A 244 -12.88 27.50 9.32
N GLY A 245 -13.72 28.14 10.17
CA GLY A 245 -15.08 27.64 10.51
C GLY A 245 -15.70 28.29 11.74
N SER A 246 -17.04 28.30 11.80
CA SER A 246 -17.87 29.15 12.69
C SER A 246 -18.19 28.45 14.03
N GLU A 247 -18.35 27.13 14.07
CA GLU A 247 -18.58 26.35 15.32
C GLU A 247 -17.44 26.57 16.31
N SER A 248 -17.69 26.21 17.58
CA SER A 248 -17.04 26.77 18.80
C SER A 248 -17.10 28.30 18.77
N GLY A 249 -18.30 28.86 18.52
CA GLY A 249 -18.63 30.31 18.58
C GLY A 249 -18.14 31.07 17.36
N GLU A 250 -18.80 32.14 16.99
CA GLU A 250 -18.29 32.94 15.90
C GLU A 250 -17.22 33.85 16.49
N GLU A 251 -16.49 33.31 17.45
CA GLU A 251 -15.43 34.01 18.18
C GLU A 251 -14.10 33.48 17.71
N ASP A 252 -14.03 32.16 17.73
CA ASP A 252 -12.89 31.32 17.27
C ASP A 252 -12.68 31.57 15.79
N PHE A 253 -13.72 31.87 15.00
CA PHE A 253 -13.61 32.15 13.55
C PHE A 253 -12.73 33.37 13.33
N ALA A 254 -12.90 34.43 14.15
CA ALA A 254 -12.10 35.67 14.07
C ALA A 254 -10.66 35.42 14.56
N ALA A 255 -10.45 34.47 15.47
CA ALA A 255 -9.10 34.03 15.94
C ALA A 255 -8.30 33.41 14.79
N PHE A 256 -8.96 32.68 13.90
CA PHE A 256 -8.40 32.20 12.62
C PHE A 256 -8.12 33.37 11.67
N ARG A 257 -9.08 34.22 11.36
CA ARG A 257 -8.92 35.34 10.38
C ARG A 257 -7.69 36.20 10.76
N ALA A 258 -7.38 36.30 12.06
CA ALA A 258 -6.25 37.09 12.62
C ALA A 258 -4.92 36.34 12.46
N TRP A 259 -4.98 35.01 12.51
CA TRP A 259 -3.83 34.11 12.25
C TRP A 259 -3.38 34.28 10.81
N LEU A 260 -4.34 34.38 9.88
CA LEU A 260 -4.04 34.48 8.43
C LEU A 260 -3.10 35.66 8.21
N ARG A 261 -2.10 35.49 7.36
CA ARG A 261 -1.10 36.54 7.01
C ARG A 261 -1.19 36.92 5.54
N CYS A 262 -1.58 35.99 4.68
CA CYS A 262 -1.58 36.17 3.22
C CYS A 262 -3.00 36.03 2.63
N TYR A 263 -3.65 34.91 2.84
CA TYR A 263 -4.83 34.46 2.06
C TYR A 263 -5.99 35.46 2.24
N GLY A 264 -6.26 36.31 1.25
CA GLY A 264 -7.36 37.30 1.23
C GLY A 264 -6.96 38.63 1.87
N MET A 265 -5.79 38.71 2.47
CA MET A 265 -5.38 39.90 3.24
C MET A 265 -5.16 41.07 2.29
N PRO A 266 -5.66 42.26 2.66
CA PRO A 266 -5.44 43.46 1.87
C PRO A 266 -3.93 43.62 1.72
N GLY A 267 -3.50 44.22 0.60
CA GLY A 267 -2.08 44.34 0.21
C GLY A 267 -1.61 43.21 -0.72
N MET A 268 -2.13 42.01 -0.57
CA MET A 268 -1.60 40.83 -1.26
C MET A 268 -2.11 40.78 -2.70
N SER A 269 -1.26 40.35 -3.63
CA SER A 269 -1.57 40.05 -5.05
C SER A 269 -2.26 38.70 -5.09
N SER A 270 -2.94 38.35 -6.18
CA SER A 270 -3.56 37.02 -6.38
C SER A 270 -3.72 36.74 -7.87
N LEU A 271 -3.67 35.47 -8.24
CA LEU A 271 -3.76 35.01 -9.65
C LEU A 271 -4.54 33.69 -9.67
N GLN A 272 -4.90 33.21 -10.86
CA GLN A 272 -5.54 31.89 -11.06
C GLN A 272 -4.46 30.92 -11.52
N ASP A 273 -4.27 29.80 -10.81
CA ASP A 273 -3.39 28.68 -11.23
C ASP A 273 -4.03 28.06 -12.47
N ARG A 274 -3.34 27.11 -13.12
CA ARG A 274 -3.76 26.51 -14.41
C ARG A 274 -5.14 25.84 -14.28
N HIS A 275 -5.71 25.72 -13.06
CA HIS A 275 -7.01 25.05 -12.79
C HIS A 275 -8.00 26.03 -12.15
N GLY A 276 -7.85 27.33 -12.37
CA GLY A 276 -8.83 28.34 -11.97
C GLY A 276 -8.74 28.73 -10.50
N ARG A 277 -7.98 28.00 -9.67
CA ARG A 277 -7.93 28.24 -8.22
C ARG A 277 -6.97 29.39 -7.94
N THR A 278 -7.33 30.23 -6.97
CA THR A 278 -6.74 31.57 -6.71
C THR A 278 -5.58 31.38 -5.73
N ILE A 279 -4.36 31.81 -6.09
CA ILE A 279 -3.20 31.81 -5.16
C ILE A 279 -2.95 33.25 -4.72
N TRP A 280 -2.96 33.45 -3.41
CA TRP A 280 -2.60 34.73 -2.75
C TRP A 280 -1.11 34.68 -2.43
N PHE A 281 -0.38 35.74 -2.81
CA PHE A 281 1.08 35.87 -2.57
C PHE A 281 1.43 37.34 -2.33
N GLN A 282 2.68 37.58 -1.90
CA GLN A 282 3.31 38.91 -1.84
C GLN A 282 4.42 39.01 -2.88
N GLY A 283 4.43 40.11 -3.64
CA GLY A 283 5.47 40.44 -4.61
C GLY A 283 5.56 39.44 -5.75
N ASP A 284 6.73 38.84 -5.95
CA ASP A 284 7.16 38.25 -7.24
C ASP A 284 6.30 37.01 -7.51
N PRO A 285 5.50 37.00 -8.61
CA PRO A 285 4.69 35.84 -8.97
C PRO A 285 5.53 34.61 -9.33
N GLY A 286 6.66 34.81 -10.01
CA GLY A 286 7.63 33.73 -10.30
C GLY A 286 7.48 33.23 -11.73
N PRO A 287 8.45 32.45 -12.23
CA PRO A 287 8.64 32.26 -13.67
C PRO A 287 7.49 31.62 -14.46
N LEU A 288 6.83 30.60 -13.95
CA LEU A 288 5.76 29.90 -14.72
C LEU A 288 4.40 30.58 -14.50
N ALA A 289 4.33 31.90 -14.36
CA ALA A 289 3.06 32.63 -14.13
C ALA A 289 2.31 32.78 -15.44
N PRO A 290 0.96 32.72 -15.44
CA PRO A 290 0.15 33.02 -16.62
C PRO A 290 0.47 34.33 -17.35
N PRO D 2 11.69 -6.63 22.73
CA PRO D 2 11.23 -5.54 21.84
C PRO D 2 9.87 -4.95 22.22
N GLU D 3 9.77 -3.62 22.05
CA GLU D 3 8.56 -2.79 22.24
C GLU D 3 8.16 -2.21 20.89
N GLY D 4 7.12 -1.37 20.86
CA GLY D 4 6.47 -0.93 19.60
C GLY D 4 7.48 -0.52 18.54
N PRO D 5 8.47 0.35 18.85
CA PRO D 5 9.36 0.90 17.83
C PRO D 5 10.16 -0.20 17.10
N GLU D 6 10.64 -1.17 17.89
CA GLU D 6 11.40 -2.33 17.38
C GLU D 6 10.48 -3.11 16.42
N LEU D 7 9.21 -3.34 16.79
CA LEU D 7 8.26 -4.12 15.95
C LEU D 7 8.01 -3.35 14.67
N HIS D 8 7.91 -2.03 14.78
CA HIS D 8 7.66 -1.15 13.64
C HIS D 8 8.86 -1.26 12.68
N LEU D 9 10.09 -1.07 13.18
CA LEU D 9 11.30 -1.00 12.32
C LEU D 9 11.51 -2.37 11.69
N ALA D 10 11.24 -3.44 12.43
CA ALA D 10 11.27 -4.84 11.94
C ALA D 10 10.34 -4.97 10.75
N SER D 11 9.14 -4.41 10.85
CA SER D 11 8.13 -4.44 9.77
C SER D 11 8.71 -3.75 8.53
N GLN D 12 9.33 -2.58 8.73
CA GLN D 12 9.93 -1.76 7.65
C GLN D 12 11.09 -2.55 7.06
N PHE D 13 11.92 -3.16 7.91
CA PHE D 13 13.08 -3.97 7.49
C PHE D 13 12.58 -5.06 6.54
N VAL D 14 11.59 -5.84 6.96
CA VAL D 14 11.09 -6.95 6.11
C VAL D 14 10.55 -6.39 4.78
N ASN D 15 9.80 -5.29 4.76
CA ASN D 15 9.21 -4.80 3.48
C ASN D 15 10.31 -4.32 2.51
N GLU D 16 11.31 -3.58 3.02
CA GLU D 16 12.40 -2.95 2.22
C GLU D 16 13.32 -4.04 1.66
N ALA D 17 13.69 -5.00 2.51
CA ALA D 17 14.58 -6.13 2.17
C ALA D 17 13.88 -7.04 1.15
N CYS D 18 12.60 -7.34 1.36
CA CYS D 18 11.91 -8.43 0.61
C CYS D 18 11.01 -7.89 -0.54
N ARG D 19 11.23 -6.65 -0.97
CA ARG D 19 10.43 -6.13 -2.13
C ARG D 19 10.76 -6.94 -3.39
N ALA D 20 12.04 -7.07 -3.74
CA ALA D 20 12.55 -7.59 -5.03
C ALA D 20 12.94 -9.07 -4.92
N LEU D 21 12.66 -9.71 -3.78
CA LEU D 21 13.00 -11.14 -3.55
C LEU D 21 11.75 -11.98 -3.82
N VAL D 22 11.88 -13.13 -4.47
CA VAL D 22 10.78 -14.15 -4.58
C VAL D 22 11.14 -15.30 -3.65
N PHE D 23 10.19 -15.72 -2.83
CA PHE D 23 10.36 -16.88 -1.93
C PHE D 23 9.73 -18.07 -2.66
N GLY D 24 10.16 -19.28 -2.32
CA GLY D 24 9.66 -20.52 -2.95
C GLY D 24 9.73 -21.66 -1.96
N GLY D 25 8.75 -22.56 -2.03
CA GLY D 25 8.82 -23.85 -1.33
C GLY D 25 8.19 -23.80 0.03
N CYS D 26 8.80 -24.44 1.02
CA CYS D 26 8.31 -24.65 2.40
C CYS D 26 8.75 -23.49 3.28
N VAL D 27 8.04 -23.32 4.38
CA VAL D 27 8.49 -22.51 5.54
C VAL D 27 9.05 -23.48 6.57
N GLU D 28 10.32 -23.33 6.90
CA GLU D 28 11.03 -24.28 7.78
C GLU D 28 11.12 -23.79 9.24
N LYS D 29 10.89 -24.72 10.18
CA LYS D 29 10.93 -24.44 11.63
C LYS D 29 12.14 -25.18 12.24
N SER D 30 12.95 -24.50 13.03
CA SER D 30 13.96 -25.17 13.90
C SER D 30 13.27 -26.30 14.64
N SER D 31 13.96 -27.39 14.90
CA SER D 31 13.39 -28.65 15.43
C SER D 31 13.34 -28.58 16.95
N VAL D 32 13.44 -27.39 17.51
CA VAL D 32 13.41 -27.10 18.97
C VAL D 32 12.29 -26.10 19.30
N SER D 33 11.65 -25.46 18.28
CA SER D 33 10.57 -24.46 18.48
C SER D 33 9.22 -25.15 18.65
N ARG D 34 8.67 -25.05 19.85
CA ARG D 34 7.29 -25.46 20.26
C ARG D 34 6.19 -24.70 19.51
N ASN D 35 6.45 -23.56 18.88
CA ASN D 35 5.45 -22.83 18.04
C ASN D 35 5.02 -23.70 16.88
N PRO D 36 3.83 -23.49 16.27
CA PRO D 36 3.31 -24.44 15.30
C PRO D 36 4.05 -24.43 13.95
N GLU D 37 4.07 -25.58 13.27
CA GLU D 37 4.52 -25.67 11.85
C GLU D 37 3.57 -24.82 11.00
N VAL D 38 4.12 -24.13 10.00
CA VAL D 38 3.45 -23.19 9.05
C VAL D 38 3.12 -23.93 7.77
N PRO D 39 1.91 -24.49 7.58
CA PRO D 39 1.65 -25.36 6.45
C PRO D 39 1.42 -24.49 5.21
N PHE D 40 2.49 -24.30 4.42
CA PHE D 40 2.52 -23.34 3.30
C PHE D 40 3.68 -23.71 2.39
N GLU D 41 3.32 -24.01 1.14
CA GLU D 41 4.26 -24.31 0.04
C GLU D 41 3.73 -23.55 -1.18
N SER D 42 4.59 -22.76 -1.84
CA SER D 42 4.29 -22.07 -3.12
C SER D 42 5.53 -22.11 -4.02
N SER D 43 5.35 -22.33 -5.33
CA SER D 43 6.48 -22.27 -6.30
C SER D 43 7.09 -20.86 -6.30
N ALA D 44 6.32 -19.82 -5.95
CA ALA D 44 6.72 -18.39 -5.99
C ALA D 44 5.78 -17.61 -5.08
N TYR D 45 6.32 -16.88 -4.10
CA TYR D 45 5.53 -16.03 -3.19
C TYR D 45 6.40 -14.87 -2.74
N ARG D 46 5.77 -13.71 -2.49
CA ARG D 46 6.40 -12.52 -1.88
C ARG D 46 5.91 -12.43 -0.43
N ILE D 47 6.75 -11.83 0.41
CA ILE D 47 6.50 -11.65 1.85
C ILE D 47 6.45 -10.16 2.14
N SER D 48 5.35 -9.66 2.75
CA SER D 48 5.24 -8.26 3.22
C SER D 48 4.91 -8.30 4.69
N ALA D 49 5.11 -7.19 5.38
CA ALA D 49 4.90 -7.06 6.85
C ALA D 49 4.12 -5.76 7.15
N SER D 50 3.32 -5.79 8.23
CA SER D 50 2.83 -4.58 8.95
C SER D 50 2.96 -4.83 10.46
N ALA D 51 2.92 -3.78 11.28
CA ALA D 51 3.04 -3.88 12.74
C ALA D 51 1.91 -3.13 13.43
N ARG D 52 1.49 -3.65 14.58
CA ARG D 52 0.42 -3.05 15.42
C ARG D 52 0.83 -3.21 16.87
N GLY D 53 1.24 -2.12 17.49
CA GLY D 53 1.84 -2.16 18.82
C GLY D 53 2.91 -3.23 18.86
N LYS D 54 2.74 -4.24 19.71
CA LYS D 54 3.82 -5.21 20.03
C LYS D 54 3.64 -6.51 19.23
N GLU D 55 2.89 -6.46 18.13
CA GLU D 55 2.64 -7.58 17.21
C GLU D 55 3.08 -7.19 15.79
N LEU D 56 3.48 -8.17 15.01
CA LEU D 56 3.89 -7.96 13.61
C LEU D 56 3.15 -9.01 12.80
N ARG D 57 2.67 -8.65 11.62
CA ARG D 57 1.95 -9.61 10.76
C ARG D 57 2.73 -9.77 9.46
N LEU D 58 3.20 -10.99 9.15
CA LEU D 58 3.72 -11.33 7.80
C LEU D 58 2.53 -11.79 6.97
N ILE D 59 2.50 -11.42 5.69
CA ILE D 59 1.63 -12.11 4.69
C ILE D 59 2.50 -12.72 3.59
N LEU D 60 2.24 -13.99 3.31
CA LEU D 60 2.87 -14.82 2.27
C LEU D 60 1.92 -14.89 1.06
N SER D 61 2.27 -14.22 -0.05
CA SER D 61 1.35 -13.97 -1.19
C SER D 61 1.91 -14.69 -2.42
N PRO D 62 1.42 -15.91 -2.74
CA PRO D 62 1.87 -16.62 -3.94
C PRO D 62 1.72 -15.64 -5.11
N LEU D 63 2.60 -15.74 -6.11
CA LEU D 63 2.49 -14.97 -7.37
C LEU D 63 1.37 -15.61 -8.16
N PRO D 64 0.84 -14.89 -9.19
CA PRO D 64 -0.13 -15.48 -10.10
C PRO D 64 0.46 -16.73 -10.75
N GLY D 65 -0.29 -17.82 -10.74
CA GLY D 65 0.07 -19.05 -11.45
C GLY D 65 1.05 -19.92 -10.66
N ALA D 66 1.37 -19.51 -9.45
CA ALA D 66 2.27 -20.27 -8.62
C ALA D 66 1.54 -21.52 -8.21
N GLN D 67 2.29 -22.59 -8.03
CA GLN D 67 1.70 -23.86 -7.67
C GLN D 67 2.13 -24.37 -6.29
N PRO D 68 1.26 -25.11 -5.62
CA PRO D 68 -0.19 -25.28 -5.70
C PRO D 68 -0.92 -23.99 -5.52
N GLN D 69 -2.04 -23.82 -6.19
CA GLN D 69 -2.78 -22.57 -6.07
C GLN D 69 -3.24 -22.43 -4.67
N GLN D 70 -3.09 -21.21 -4.16
CA GLN D 70 -3.41 -20.90 -2.78
C GLN D 70 -3.78 -19.47 -2.56
N GLU D 71 -4.54 -19.23 -1.51
CA GLU D 71 -4.81 -17.84 -1.08
C GLU D 71 -3.58 -17.43 -0.27
N PRO D 72 -3.29 -16.13 -0.13
CA PRO D 72 -2.25 -15.68 0.78
C PRO D 72 -2.45 -16.32 2.17
N LEU D 73 -1.38 -16.45 2.96
CA LEU D 73 -1.44 -16.89 4.38
C LEU D 73 -0.84 -15.80 5.28
N ALA D 74 -1.59 -15.40 6.32
CA ALA D 74 -1.09 -14.44 7.32
C ALA D 74 -0.60 -15.19 8.57
N LEU D 75 0.56 -14.80 9.09
CA LEU D 75 1.11 -15.20 10.39
C LEU D 75 1.25 -13.95 11.24
N VAL D 76 0.99 -14.04 12.52
CA VAL D 76 1.16 -12.89 13.44
C VAL D 76 2.19 -13.30 14.48
N PHE D 77 3.20 -12.48 14.66
CA PHE D 77 4.32 -12.72 15.59
C PHE D 77 4.20 -11.83 16.83
N ARG D 78 4.53 -12.38 17.99
CA ARG D 78 4.97 -11.62 19.17
C ARG D 78 6.41 -12.03 19.49
N PHE D 79 7.27 -11.10 19.90
CA PHE D 79 8.75 -11.26 19.94
C PHE D 79 9.24 -11.60 21.36
N GLY D 80 8.38 -11.58 22.37
CA GLY D 80 8.84 -11.83 23.74
C GLY D 80 10.02 -10.94 24.08
N MET D 81 11.04 -11.53 24.68
CA MET D 81 12.21 -10.82 25.21
C MET D 81 13.28 -10.58 24.13
N SER D 82 13.38 -11.43 23.09
CA SER D 82 14.57 -11.42 22.20
C SER D 82 14.25 -11.50 20.70
N GLY D 83 13.04 -11.75 20.28
CA GLY D 83 12.73 -11.93 18.84
C GLY D 83 13.36 -10.83 18.00
N SER D 84 13.33 -11.04 16.69
CA SER D 84 13.93 -10.17 15.66
C SER D 84 13.70 -10.80 14.28
N PHE D 85 13.87 -10.07 13.18
CA PHE D 85 13.95 -10.66 11.82
C PHE D 85 15.31 -10.35 11.21
N GLN D 86 15.87 -11.30 10.44
CA GLN D 86 17.18 -11.12 9.73
C GLN D 86 17.13 -11.75 8.35
N LEU D 87 17.64 -11.03 7.36
CA LEU D 87 17.90 -11.57 6.00
C LEU D 87 19.34 -12.08 5.97
N VAL D 88 19.56 -13.38 5.77
CA VAL D 88 20.91 -14.01 5.84
C VAL D 88 21.14 -14.90 4.63
N PRO D 89 22.42 -15.20 4.37
CA PRO D 89 22.82 -16.27 3.44
C PRO D 89 22.31 -17.65 3.90
N ARG D 90 21.58 -18.34 3.01
CA ARG D 90 20.83 -19.61 3.26
C ARG D 90 21.68 -20.59 4.07
N GLU D 91 23.00 -20.46 3.99
CA GLU D 91 24.00 -21.39 4.59
C GLU D 91 24.66 -20.76 5.84
N GLU D 92 24.13 -19.65 6.33
CA GLU D 92 24.64 -18.96 7.55
C GLU D 92 23.45 -18.57 8.43
N LEU D 93 22.50 -19.49 8.60
CA LEU D 93 21.40 -19.33 9.59
C LEU D 93 22.08 -18.96 10.91
N PRO D 94 21.63 -17.87 11.58
CA PRO D 94 22.05 -17.58 12.95
C PRO D 94 21.69 -18.71 13.93
N ARG D 95 22.39 -18.77 15.06
CA ARG D 95 21.91 -19.50 16.25
C ARG D 95 20.52 -18.95 16.58
N HIS D 96 19.57 -19.85 16.73
CA HIS D 96 18.20 -19.51 17.19
C HIS D 96 17.36 -18.95 16.05
N ALA D 97 17.70 -19.22 14.79
CA ALA D 97 16.80 -18.99 13.64
C ALA D 97 15.69 -20.05 13.72
N HIS D 98 14.52 -19.69 14.27
CA HIS D 98 13.45 -20.62 14.67
C HIS D 98 12.41 -20.76 13.55
N LEU D 99 12.31 -19.78 12.65
CA LEU D 99 11.42 -19.87 11.45
C LEU D 99 12.07 -19.16 10.28
N ARG D 100 11.99 -19.75 9.08
CA ARG D 100 12.94 -19.47 7.94
C ARG D 100 12.26 -19.62 6.57
N PHE D 101 12.31 -18.54 5.79
CA PHE D 101 11.62 -18.42 4.49
C PHE D 101 12.73 -18.23 3.48
N TYR D 102 12.73 -19.11 2.46
CA TYR D 102 13.85 -19.39 1.55
C TYR D 102 13.50 -18.84 0.18
N THR D 103 14.45 -18.15 -0.43
CA THR D 103 14.32 -17.53 -1.77
C THR D 103 14.40 -18.63 -2.82
N ALA D 104 13.61 -18.55 -3.87
CA ALA D 104 13.68 -19.54 -4.92
C ALA D 104 14.95 -19.33 -5.73
N PRO D 105 15.00 -19.92 -6.92
CA PRO D 105 16.07 -19.88 -7.92
C PRO D 105 16.74 -18.55 -8.12
N PRO D 106 18.00 -18.64 -8.49
CA PRO D 106 19.16 -17.82 -8.79
C PRO D 106 19.43 -16.61 -7.91
N GLY D 107 20.60 -16.04 -8.15
CA GLY D 107 21.05 -14.91 -7.38
C GLY D 107 21.59 -15.44 -6.07
N PRO D 108 21.69 -14.60 -5.07
CA PRO D 108 22.12 -15.22 -3.83
C PRO D 108 20.91 -15.91 -3.17
N ARG D 109 21.04 -17.20 -2.83
CA ARG D 109 20.08 -18.01 -2.05
C ARG D 109 20.01 -17.39 -0.67
N LEU D 110 18.82 -16.92 -0.23
CA LEU D 110 18.66 -16.15 1.04
C LEU D 110 17.48 -16.69 1.92
N ALA D 111 17.71 -16.54 3.24
CA ALA D 111 16.74 -16.90 4.29
C ALA D 111 16.32 -15.64 5.05
N LEU D 112 15.05 -15.27 4.96
CA LEU D 112 14.39 -14.40 6.00
C LEU D 112 14.14 -15.28 7.21
N CYS D 113 14.80 -15.00 8.34
CA CYS D 113 14.72 -15.79 9.59
C CYS D 113 14.09 -14.96 10.70
N PHE D 114 13.08 -15.51 11.37
CA PHE D 114 12.67 -15.16 12.74
C PHE D 114 13.67 -15.72 13.79
N VAL D 115 14.48 -14.83 14.34
CA VAL D 115 15.55 -15.14 15.34
C VAL D 115 15.03 -14.74 16.73
N ASP D 116 15.08 -15.66 17.70
CA ASP D 116 14.52 -15.52 19.07
C ASP D 116 15.31 -16.42 20.03
N ILE D 117 16.45 -15.91 20.49
CA ILE D 117 17.41 -16.54 21.43
C ILE D 117 16.65 -17.34 22.50
N ARG D 118 15.71 -16.69 23.19
CA ARG D 118 15.13 -17.18 24.47
C ARG D 118 13.85 -17.99 24.26
N ARG D 119 13.23 -17.89 23.08
CA ARG D 119 12.04 -18.67 22.66
C ARG D 119 10.81 -18.26 23.49
N PHE D 120 10.71 -16.96 23.82
CA PHE D 120 9.51 -16.42 24.47
C PHE D 120 8.59 -15.88 23.37
N GLY D 121 9.13 -15.57 22.20
CA GLY D 121 8.33 -15.20 21.02
C GLY D 121 7.36 -16.31 20.67
N ARG D 122 6.39 -16.01 19.83
CA ARG D 122 5.24 -16.89 19.51
C ARG D 122 4.69 -16.47 18.16
N TRP D 123 4.13 -17.43 17.40
CA TRP D 123 3.38 -17.11 16.17
C TRP D 123 2.16 -18.01 16.02
N ASP D 124 1.14 -17.48 15.33
CA ASP D 124 -0.20 -18.09 15.12
C ASP D 124 -0.56 -18.06 13.64
N LEU D 125 -1.31 -19.05 13.20
CA LEU D 125 -1.68 -19.17 11.77
C LEU D 125 -2.89 -18.27 11.50
N GLY D 126 -3.68 -17.95 12.51
CA GLY D 126 -4.91 -17.13 12.40
C GLY D 126 -4.84 -15.86 11.53
N GLY D 127 -3.66 -15.23 11.34
CA GLY D 127 -3.56 -13.93 10.64
C GLY D 127 -4.16 -12.73 11.40
N LYS D 128 -4.79 -12.91 12.56
CA LYS D 128 -5.56 -11.84 13.24
C LYS D 128 -4.75 -11.32 14.43
N TRP D 129 -4.88 -10.02 14.71
CA TRP D 129 -4.29 -9.37 15.91
C TRP D 129 -4.90 -9.99 17.16
N GLN D 130 -4.25 -9.84 18.29
CA GLN D 130 -4.69 -10.54 19.51
C GLN D 130 -6.01 -9.94 19.98
N PRO D 131 -7.05 -10.76 20.20
CA PRO D 131 -8.32 -10.23 20.70
C PRO D 131 -7.94 -9.53 22.02
N GLY D 132 -8.44 -8.31 22.21
CA GLY D 132 -8.22 -7.58 23.46
C GLY D 132 -7.15 -6.52 23.35
N ARG D 133 -6.20 -6.64 22.44
CA ARG D 133 -5.12 -5.62 22.37
C ARG D 133 -5.68 -4.28 21.91
N GLY D 134 -5.29 -3.20 22.60
CA GLY D 134 -5.69 -1.83 22.27
C GLY D 134 -5.13 -1.40 20.92
N PRO D 135 -5.48 -0.20 20.42
CA PRO D 135 -4.93 0.30 19.17
C PRO D 135 -3.45 0.60 19.35
N CYS D 136 -2.70 0.69 18.25
CA CYS D 136 -1.24 0.89 18.25
C CYS D 136 -0.91 2.35 18.58
N VAL D 137 -0.15 2.59 19.65
CA VAL D 137 0.20 3.97 20.09
C VAL D 137 0.97 4.70 19.00
N LEU D 138 1.66 3.97 18.11
CA LEU D 138 2.41 4.62 17.03
C LEU D 138 1.45 4.96 15.88
N GLN D 139 0.63 4.01 15.41
CA GLN D 139 -0.07 4.20 14.12
C GLN D 139 -1.59 4.38 14.27
N GLU D 140 -2.15 4.19 15.46
CA GLU D 140 -3.57 4.48 15.71
C GLU D 140 -3.66 5.45 16.88
N TYR D 141 -2.87 6.51 16.89
CA TYR D 141 -2.84 7.46 18.03
C TYR D 141 -4.25 7.91 18.47
N GLN D 142 -5.04 8.50 17.60
CA GLN D 142 -6.36 9.09 18.00
C GLN D 142 -7.22 7.95 18.56
N GLN D 143 -7.15 6.78 17.93
CA GLN D 143 -7.97 5.63 18.37
C GLN D 143 -7.49 5.23 19.76
N PHE D 144 -6.17 5.09 19.91
CA PHE D 144 -5.45 4.78 21.18
C PHE D 144 -5.93 5.75 22.25
N ARG D 145 -5.89 7.05 22.00
CA ARG D 145 -6.17 8.11 23.00
C ARG D 145 -7.61 7.96 23.49
N GLU D 146 -8.54 7.86 22.56
CA GLU D 146 -9.99 7.75 22.86
C GLU D 146 -10.23 6.44 23.60
N ASN D 147 -9.52 5.35 23.27
CA ASN D 147 -9.80 4.01 23.86
C ASN D 147 -9.42 4.01 25.35
N VAL D 148 -8.55 4.92 25.76
CA VAL D 148 -8.15 5.10 27.18
C VAL D 148 -9.20 5.97 27.89
N LEU D 149 -9.33 7.23 27.49
CA LEU D 149 -10.17 8.27 28.12
C LEU D 149 -11.64 7.85 28.18
N ARG D 150 -12.11 7.04 27.22
CA ARG D 150 -13.47 6.46 27.24
C ARG D 150 -13.59 5.42 28.35
N ASN D 151 -12.50 4.77 28.76
CA ASN D 151 -12.61 3.56 29.63
C ASN D 151 -11.82 3.71 30.95
N LEU D 152 -11.63 4.92 31.49
CA LEU D 152 -10.92 5.10 32.79
C LEU D 152 -11.66 4.32 33.90
N ALA D 153 -12.94 4.00 33.69
CA ALA D 153 -13.80 3.27 34.65
C ALA D 153 -13.23 1.88 34.90
N ASP D 154 -12.67 1.24 33.86
CA ASP D 154 -12.11 -0.13 33.87
C ASP D 154 -11.14 -0.30 35.05
N LYS D 155 -11.17 -1.45 35.73
CA LYS D 155 -10.34 -1.71 36.94
C LYS D 155 -8.84 -1.58 36.60
N ALA D 156 -8.46 -1.76 35.34
CA ALA D 156 -7.07 -1.62 34.85
C ALA D 156 -6.42 -0.36 35.39
N PHE D 157 -7.19 0.71 35.54
CA PHE D 157 -6.69 2.07 35.91
C PHE D 157 -6.72 2.28 37.43
N ASP D 158 -7.14 1.26 38.19
CA ASP D 158 -6.92 1.22 39.66
C ASP D 158 -5.42 1.09 39.90
N ARG D 159 -4.75 0.33 39.05
CA ARG D 159 -3.32 0.00 39.22
C ARG D 159 -2.49 1.28 39.21
N PRO D 160 -1.24 1.24 39.73
CA PRO D 160 -0.30 2.33 39.56
C PRO D 160 0.04 2.58 38.08
N ILE D 161 0.46 3.81 37.78
CA ILE D 161 0.59 4.27 36.36
C ILE D 161 1.70 3.48 35.70
N CYS D 162 2.79 3.19 36.41
CA CYS D 162 3.94 2.45 35.81
C CYS D 162 3.45 1.07 35.37
N GLU D 163 2.43 0.51 36.06
CA GLU D 163 1.84 -0.81 35.71
C GLU D 163 0.82 -0.68 34.58
N ALA D 164 -0.13 0.26 34.64
CA ALA D 164 -1.18 0.42 33.60
C ALA D 164 -0.52 0.53 32.21
N LEU D 165 0.59 1.25 32.11
CA LEU D 165 1.32 1.54 30.84
C LEU D 165 1.85 0.26 30.18
N LEU D 166 1.89 -0.87 30.89
CA LEU D 166 2.28 -2.18 30.29
C LEU D 166 1.05 -2.96 29.88
N ASP D 167 -0.16 -2.62 30.35
CA ASP D 167 -1.41 -3.31 29.96
C ASP D 167 -1.65 -3.02 28.49
N GLN D 168 -1.43 -4.00 27.63
CA GLN D 168 -1.49 -3.85 26.15
C GLN D 168 -2.92 -3.72 25.69
N ARG D 169 -3.89 -3.84 26.58
CA ARG D 169 -5.30 -3.60 26.22
C ARG D 169 -5.50 -2.11 25.95
N PHE D 170 -4.71 -1.23 26.57
CA PHE D 170 -4.85 0.25 26.45
C PHE D 170 -3.55 0.89 25.93
N PHE D 171 -2.41 0.23 26.06
CA PHE D 171 -1.10 0.80 25.66
C PHE D 171 -0.31 -0.18 24.78
N ASN D 172 -0.99 -0.78 23.78
CA ASN D 172 -0.36 -1.73 22.81
C ASN D 172 0.93 -1.10 22.29
N GLY D 173 2.07 -1.65 22.61
CA GLY D 173 3.36 -1.17 22.09
C GLY D 173 4.27 -0.60 23.18
N ILE D 174 3.71 -0.13 24.29
CA ILE D 174 4.52 0.35 25.44
C ILE D 174 5.05 -0.85 26.25
N GLY D 175 6.35 -0.85 26.54
CA GLY D 175 7.03 -1.80 27.43
C GLY D 175 7.99 -1.11 28.37
N ASN D 176 8.90 -1.88 28.97
CA ASN D 176 9.49 -1.54 30.28
C ASN D 176 10.48 -0.37 30.13
N TYR D 177 11.12 -0.21 28.97
CA TYR D 177 12.05 0.93 28.73
C TYR D 177 11.22 2.18 28.40
N LEU D 178 10.18 2.07 27.58
CA LEU D 178 9.32 3.23 27.23
C LEU D 178 8.60 3.75 28.46
N ARG D 179 8.07 2.90 29.35
CA ARG D 179 7.26 3.44 30.48
C ARG D 179 8.18 4.33 31.34
N ALA D 180 9.42 3.89 31.55
CA ALA D 180 10.45 4.60 32.32
C ALA D 180 10.75 5.94 31.67
N GLU D 181 11.04 5.89 30.37
CA GLU D 181 11.40 7.08 29.57
C GLU D 181 10.22 8.07 29.59
N ILE D 182 8.98 7.58 29.44
CA ILE D 182 7.76 8.42 29.31
C ILE D 182 7.54 9.18 30.62
N LEU D 183 7.47 8.48 31.74
CA LEU D 183 7.14 9.12 33.04
C LEU D 183 8.27 10.10 33.38
N TYR D 184 9.52 9.77 33.04
CA TYR D 184 10.65 10.67 33.35
C TYR D 184 10.35 12.03 32.71
N ARG D 185 9.91 12.03 31.44
CA ARG D 185 9.61 13.26 30.65
C ARG D 185 8.66 14.18 31.44
N LEU D 186 7.69 13.63 32.18
CA LEU D 186 6.65 14.40 32.90
C LEU D 186 6.87 14.32 34.42
N LYS D 187 7.91 13.59 34.86
CA LYS D 187 8.31 13.42 36.28
C LYS D 187 7.08 13.01 37.13
N ILE D 188 6.15 12.22 36.57
CA ILE D 188 5.02 11.61 37.33
C ILE D 188 5.63 10.47 38.13
N PRO D 189 5.45 10.45 39.46
CA PRO D 189 5.82 9.27 40.24
C PRO D 189 5.20 8.00 39.66
N PRO D 190 6.02 6.93 39.48
CA PRO D 190 5.55 5.72 38.83
C PRO D 190 4.46 4.96 39.61
N PHE D 191 4.33 5.17 40.92
CA PHE D 191 3.30 4.46 41.74
C PHE D 191 2.15 5.40 42.11
N GLU D 192 2.11 6.59 41.49
CA GLU D 192 0.86 7.39 41.37
C GLU D 192 -0.20 6.47 40.74
N LYS D 193 -1.46 6.61 41.15
CA LYS D 193 -2.58 5.79 40.64
C LYS D 193 -2.96 6.27 39.25
N ALA D 194 -3.11 5.33 38.29
CA ALA D 194 -3.27 5.66 36.85
C ALA D 194 -4.51 6.54 36.65
N ARG D 195 -5.66 6.23 37.27
CA ARG D 195 -6.91 7.01 37.07
C ARG D 195 -6.68 8.47 37.47
N SER D 196 -6.03 8.75 38.61
CA SER D 196 -5.70 10.13 39.10
C SER D 196 -4.98 10.94 38.02
N VAL D 197 -3.96 10.38 37.38
CA VAL D 197 -3.09 11.08 36.39
C VAL D 197 -3.90 11.33 35.11
N LEU D 198 -4.82 10.43 34.77
CA LEU D 198 -5.57 10.43 33.47
C LEU D 198 -6.88 11.23 33.58
N GLU D 199 -7.59 11.19 34.70
CA GLU D 199 -8.94 11.81 34.85
C GLU D 199 -8.88 13.24 34.30
N ALA D 200 -7.76 13.92 34.55
CA ALA D 200 -7.40 15.31 34.14
C ALA D 200 -7.77 15.63 32.67
N LEU D 201 -7.58 14.71 31.73
CA LEU D 201 -7.66 14.97 30.26
C LEU D 201 -9.05 14.63 29.70
N GLN D 202 -10.08 14.55 30.54
CA GLN D 202 -11.43 14.10 30.11
C GLN D 202 -12.38 15.29 29.89
N ASN D 222 4.43 21.56 25.97
CA ASN D 222 3.61 21.32 27.19
C ASN D 222 2.82 20.01 27.05
N PRO D 223 3.39 18.91 26.48
CA PRO D 223 2.60 17.75 26.04
C PRO D 223 2.31 16.79 27.20
N ASP D 224 1.16 16.10 27.10
CA ASP D 224 0.57 15.32 28.22
C ASP D 224 0.98 13.85 28.10
N LEU D 225 0.52 13.04 29.05
CA LEU D 225 0.93 11.63 29.19
C LEU D 225 0.64 10.87 27.91
N LEU D 226 -0.51 11.12 27.28
CA LEU D 226 -0.96 10.28 26.14
C LEU D 226 -0.25 10.75 24.86
N GLU D 227 -0.02 12.05 24.71
CA GLU D 227 0.83 12.61 23.60
C GLU D 227 2.18 11.88 23.61
N LEU D 228 2.80 11.68 24.76
CA LEU D 228 4.16 11.08 24.87
C LEU D 228 4.13 9.58 24.52
N CYS D 229 3.11 8.85 24.95
CA CYS D 229 2.90 7.43 24.61
C CYS D 229 2.94 7.22 23.09
N HIS D 230 2.63 8.26 22.32
CA HIS D 230 2.81 8.27 20.85
C HIS D 230 4.19 8.78 20.47
N SER D 231 4.56 9.98 20.95
CA SER D 231 5.69 10.77 20.41
C SER D 231 7.01 10.16 20.86
N VAL D 232 7.08 9.62 22.07
CA VAL D 232 8.37 9.10 22.62
C VAL D 232 8.77 7.85 21.85
N PRO D 233 7.94 6.79 21.72
CA PRO D 233 8.26 5.71 20.81
C PRO D 233 8.52 6.16 19.36
N LYS D 234 7.91 7.26 18.93
CA LYS D 234 8.12 7.78 17.54
C LYS D 234 9.55 8.30 17.45
N GLU D 235 10.17 8.73 18.57
CA GLU D 235 11.58 9.25 18.63
C GLU D 235 12.55 8.08 18.39
N VAL D 236 12.22 6.94 18.95
CA VAL D 236 13.00 5.69 18.75
C VAL D 236 12.95 5.34 17.26
N VAL D 237 11.78 5.44 16.64
CA VAL D 237 11.56 5.05 15.21
C VAL D 237 12.38 5.97 14.30
N GLN D 238 12.63 7.20 14.71
CA GLN D 238 13.30 8.21 13.85
C GLN D 238 14.83 8.14 13.94
N LEU D 239 15.42 7.24 14.74
CA LEU D 239 16.92 7.19 14.83
C LEU D 239 17.55 6.50 13.59
N GLU D 250 25.52 -2.09 14.48
CA GLU D 250 26.61 -1.90 15.47
C GLU D 250 26.46 -0.52 16.12
N GLU D 251 26.37 0.54 15.30
CA GLU D 251 26.47 1.98 15.68
C GLU D 251 25.08 2.59 15.86
N ASP D 252 24.04 1.97 15.29
CA ASP D 252 22.60 2.24 15.56
C ASP D 252 22.32 1.97 17.04
N PHE D 253 22.93 0.92 17.59
CA PHE D 253 22.72 0.47 19.00
C PHE D 253 23.14 1.60 19.94
N ALA D 254 24.30 2.23 19.67
CA ALA D 254 24.88 3.33 20.46
C ALA D 254 24.00 4.59 20.35
N ALA D 255 23.38 4.83 19.18
CA ALA D 255 22.44 5.94 18.90
C ALA D 255 21.23 5.88 19.85
N PHE D 256 20.72 4.66 20.08
CA PHE D 256 19.66 4.37 21.08
C PHE D 256 20.16 4.63 22.51
N ARG D 257 21.25 3.99 22.93
CA ARG D 257 21.77 4.08 24.32
C ARG D 257 21.92 5.56 24.74
N ALA D 258 22.24 6.45 23.78
CA ALA D 258 22.47 7.90 23.99
C ALA D 258 21.14 8.64 24.12
N TRP D 259 20.11 8.16 23.41
CA TRP D 259 18.72 8.67 23.48
C TRP D 259 18.18 8.45 24.89
N LEU D 260 18.45 7.28 25.49
CA LEU D 260 17.91 6.91 26.82
C LEU D 260 18.30 7.98 27.81
N ARG D 261 17.38 8.38 28.68
CA ARG D 261 17.58 9.43 29.70
C ARG D 261 17.38 8.87 31.11
N CYS D 262 16.50 7.87 31.26
CA CYS D 262 16.10 7.33 32.58
C CYS D 262 16.50 5.86 32.72
N TYR D 263 15.99 5.00 31.84
CA TYR D 263 16.00 3.52 31.99
C TYR D 263 17.45 3.02 32.03
N GLY D 264 17.96 2.70 33.22
CA GLY D 264 19.31 2.14 33.44
C GLY D 264 20.38 3.20 33.59
N MET D 265 20.06 4.48 33.42
CA MET D 265 21.04 5.59 33.62
C MET D 265 21.53 5.59 35.07
N PRO D 266 22.86 5.53 35.32
CA PRO D 266 23.37 5.56 36.70
C PRO D 266 22.80 6.80 37.38
N GLY D 267 22.55 6.74 38.69
CA GLY D 267 21.92 7.82 39.48
C GLY D 267 20.39 7.72 39.55
N MET D 268 19.74 6.99 38.65
CA MET D 268 18.27 6.82 38.70
C MET D 268 17.92 5.76 39.75
N SER D 269 16.82 5.95 40.48
CA SER D 269 16.22 4.95 41.40
C SER D 269 15.52 3.89 40.56
N SER D 270 15.25 2.72 41.13
CA SER D 270 14.46 1.65 40.47
C SER D 270 13.82 0.76 41.53
N LEU D 271 12.66 0.20 41.22
CA LEU D 271 11.87 -0.67 42.13
C LEU D 271 11.21 -1.77 41.31
N GLN D 272 10.60 -2.74 41.98
CA GLN D 272 9.82 -3.82 41.34
C GLN D 272 8.34 -3.45 41.43
N ASP D 273 7.64 -3.42 40.30
CA ASP D 273 6.16 -3.28 40.25
C ASP D 273 5.55 -4.54 40.84
N ARG D 274 4.22 -4.56 41.03
CA ARG D 274 3.52 -5.67 41.72
C ARG D 274 3.76 -7.00 41.01
N HIS D 275 4.39 -7.02 39.83
CA HIS D 275 4.65 -8.24 39.00
C HIS D 275 6.16 -8.45 38.79
N GLY D 276 7.02 -7.93 39.65
CA GLY D 276 8.47 -8.21 39.62
C GLY D 276 9.24 -7.41 38.57
N ARG D 277 8.56 -6.69 37.67
CA ARG D 277 9.23 -5.91 36.59
C ARG D 277 9.74 -4.58 37.16
N THR D 278 10.93 -4.17 36.71
CA THR D 278 11.74 -3.06 37.27
C THR D 278 11.30 -1.74 36.62
N ILE D 279 10.90 -0.75 37.43
CA ILE D 279 10.60 0.62 36.91
C ILE D 279 11.77 1.54 37.28
N TRP D 280 12.37 2.20 36.29
CA TRP D 280 13.39 3.25 36.48
C TRP D 280 12.69 4.62 36.55
N PHE D 281 13.02 5.42 37.56
CA PHE D 281 12.46 6.78 37.77
C PHE D 281 13.52 7.69 38.42
N GLN D 282 13.21 8.99 38.50
CA GLN D 282 13.92 10.00 39.32
C GLN D 282 13.01 10.47 40.47
N GLY D 283 13.56 10.56 41.68
CA GLY D 283 12.88 11.14 42.84
C GLY D 283 11.70 10.30 43.30
N ASP D 284 10.54 10.93 43.48
CA ASP D 284 9.44 10.44 44.35
C ASP D 284 8.84 9.16 43.76
N PRO D 285 8.93 8.01 44.46
CA PRO D 285 8.32 6.76 43.98
C PRO D 285 6.80 6.80 43.87
N GLY D 286 6.12 7.49 44.79
CA GLY D 286 4.65 7.72 44.74
C GLY D 286 3.90 6.70 45.59
N PRO D 287 2.58 6.91 45.84
CA PRO D 287 1.86 6.20 46.90
C PRO D 287 1.80 4.67 46.86
N LEU D 288 1.54 4.05 45.72
CA LEU D 288 1.11 2.62 45.67
C LEU D 288 2.30 1.67 45.54
N ALA D 289 3.44 1.92 46.20
CA ALA D 289 4.68 1.11 46.01
C ALA D 289 4.57 -0.17 46.84
N PRO D 290 5.17 -1.29 46.40
CA PRO D 290 5.43 -2.41 47.30
C PRO D 290 6.56 -2.05 48.28
N PRO G 2 0.95 -10.71 -29.31
CA PRO G 2 1.02 -11.99 -28.58
C PRO G 2 2.31 -12.80 -28.82
N GLU G 3 2.75 -13.50 -27.77
CA GLU G 3 3.87 -14.47 -27.74
C GLU G 3 3.29 -15.86 -27.44
N GLY G 4 4.16 -16.89 -27.35
CA GLY G 4 3.74 -18.29 -27.28
C GLY G 4 2.53 -18.52 -26.37
N PRO G 5 2.57 -18.04 -25.10
CA PRO G 5 1.52 -18.39 -24.14
C PRO G 5 0.13 -17.90 -24.58
N GLU G 6 0.08 -16.70 -25.14
CA GLU G 6 -1.16 -16.09 -25.69
C GLU G 6 -1.70 -17.00 -26.80
N LEU G 7 -0.83 -17.48 -27.71
CA LEU G 7 -1.25 -18.37 -28.84
C LEU G 7 -1.77 -19.67 -28.24
N HIS G 8 -1.10 -20.15 -27.22
CA HIS G 8 -1.46 -21.43 -26.56
C HIS G 8 -2.84 -21.27 -25.93
N LEU G 9 -3.07 -20.24 -25.12
CA LEU G 9 -4.34 -20.08 -24.36
C LEU G 9 -5.48 -19.82 -25.34
N ALA G 10 -5.21 -19.10 -26.44
CA ALA G 10 -6.15 -18.89 -27.55
C ALA G 10 -6.57 -20.25 -28.11
N SER G 11 -5.60 -21.14 -28.32
CA SER G 11 -5.83 -22.53 -28.82
C SER G 11 -6.78 -23.25 -27.85
N GLN G 12 -6.50 -23.16 -26.54
CA GLN G 12 -7.32 -23.78 -25.46
C GLN G 12 -8.71 -23.15 -25.48
N PHE G 13 -8.81 -21.83 -25.60
CA PHE G 13 -10.09 -21.09 -25.67
C PHE G 13 -10.94 -21.68 -26.80
N VAL G 14 -10.38 -21.72 -28.02
CA VAL G 14 -11.08 -22.26 -29.21
C VAL G 14 -11.59 -23.68 -28.91
N ASN G 15 -10.75 -24.57 -28.39
CA ASN G 15 -11.11 -26.00 -28.25
C ASN G 15 -12.23 -26.17 -27.20
N GLU G 16 -12.12 -25.47 -26.06
CA GLU G 16 -13.02 -25.62 -24.89
C GLU G 16 -14.38 -25.03 -25.24
N ALA G 17 -14.40 -23.85 -25.90
CA ALA G 17 -15.62 -23.12 -26.30
C ALA G 17 -16.37 -23.93 -27.37
N CYS G 18 -15.64 -24.53 -28.32
CA CYS G 18 -16.16 -25.24 -29.52
C CYS G 18 -16.54 -26.72 -29.25
N ARG G 19 -16.28 -27.24 -28.06
CA ARG G 19 -16.91 -28.52 -27.61
C ARG G 19 -18.45 -28.35 -27.66
N GLY G 25 -22.13 -23.51 -42.98
CA GLY G 25 -22.11 -22.13 -43.50
C GLY G 25 -20.86 -21.87 -44.31
N CYS G 26 -20.36 -20.63 -44.27
CA CYS G 26 -19.09 -20.22 -44.92
C CYS G 26 -18.26 -19.38 -43.93
N VAL G 27 -16.93 -19.57 -43.92
CA VAL G 27 -15.96 -18.61 -43.30
C VAL G 27 -16.12 -17.25 -44.01
N GLU G 28 -16.70 -16.26 -43.33
CA GLU G 28 -16.94 -14.91 -43.87
C GLU G 28 -15.81 -13.96 -43.45
N LYS G 29 -15.32 -13.15 -44.38
CA LYS G 29 -14.17 -12.23 -44.17
C LYS G 29 -14.68 -10.80 -44.25
N SER G 30 -14.39 -9.96 -43.26
CA SER G 30 -14.60 -8.49 -43.36
C SER G 30 -14.02 -8.03 -44.71
N SER G 31 -14.67 -7.08 -45.38
CA SER G 31 -14.32 -6.75 -46.77
C SER G 31 -13.22 -5.68 -46.77
N VAL G 32 -12.57 -5.49 -45.62
CA VAL G 32 -11.41 -4.56 -45.46
C VAL G 32 -10.12 -5.36 -45.17
N SER G 33 -10.20 -6.66 -44.87
CA SER G 33 -9.04 -7.55 -44.56
C SER G 33 -8.41 -8.04 -45.87
N ARG G 34 -7.18 -7.58 -46.13
CA ARG G 34 -6.35 -7.99 -47.29
C ARG G 34 -5.93 -9.48 -47.20
N ASN G 35 -6.11 -10.16 -46.08
CA ASN G 35 -5.86 -11.62 -45.98
C ASN G 35 -6.82 -12.37 -46.91
N PRO G 36 -6.49 -13.62 -47.31
CA PRO G 36 -7.27 -14.36 -48.30
C PRO G 36 -8.68 -14.74 -47.83
N GLU G 37 -9.64 -14.80 -48.76
CA GLU G 37 -10.97 -15.43 -48.55
C GLU G 37 -10.75 -16.92 -48.25
N VAL G 38 -11.57 -17.48 -47.36
CA VAL G 38 -11.51 -18.91 -46.93
C VAL G 38 -12.59 -19.70 -47.65
N PRO G 39 -12.30 -20.40 -48.77
CA PRO G 39 -13.35 -21.20 -49.43
C PRO G 39 -13.59 -22.49 -48.63
N PHE G 40 -14.62 -22.48 -47.77
CA PHE G 40 -15.03 -23.59 -46.88
C PHE G 40 -16.54 -23.48 -46.60
N GLU G 41 -17.30 -24.52 -46.95
CA GLU G 41 -18.77 -24.63 -46.69
C GLU G 41 -19.09 -25.98 -45.99
N ALA G 49 -8.46 -26.32 -32.62
CA ALA G 49 -7.27 -25.43 -32.56
C ALA G 49 -6.08 -26.15 -31.91
N SER G 50 -4.86 -25.81 -32.31
CA SER G 50 -3.57 -26.20 -31.70
C SER G 50 -2.58 -25.07 -31.99
N ALA G 51 -1.49 -24.97 -31.22
CA ALA G 51 -0.51 -23.87 -31.33
C ALA G 51 0.92 -24.41 -31.42
N ARG G 52 1.81 -23.69 -32.10
CA ARG G 52 3.25 -24.01 -32.22
C ARG G 52 4.03 -22.69 -32.18
N GLY G 53 4.69 -22.46 -31.06
CA GLY G 53 5.33 -21.15 -30.80
C GLY G 53 4.34 -20.06 -31.11
N LYS G 54 4.67 -19.20 -32.07
CA LYS G 54 3.94 -17.93 -32.29
C LYS G 54 2.90 -18.06 -33.43
N GLU G 55 2.49 -19.29 -33.76
CA GLU G 55 1.48 -19.60 -34.81
C GLU G 55 0.37 -20.47 -34.20
N LEU G 56 -0.84 -20.37 -34.74
CA LEU G 56 -2.00 -21.16 -34.25
C LEU G 56 -2.65 -21.78 -35.49
N ARG G 57 -3.10 -23.02 -35.39
CA ARG G 57 -3.76 -23.71 -36.51
C ARG G 57 -5.19 -24.02 -36.13
N LEU G 58 -6.16 -23.49 -36.89
CA LEU G 58 -7.60 -23.84 -36.78
C LEU G 58 -7.82 -25.07 -37.68
N ILE G 59 -8.60 -26.06 -37.20
CA ILE G 59 -8.88 -27.36 -37.87
C ILE G 59 -10.40 -27.55 -37.93
N LEU G 60 -11.00 -27.25 -39.09
CA LEU G 60 -12.46 -27.11 -39.35
C LEU G 60 -12.95 -28.35 -40.11
N SER G 61 -13.72 -29.21 -39.45
CA SER G 61 -14.02 -30.60 -39.87
C SER G 61 -15.49 -30.81 -40.23
N PRO G 62 -15.80 -31.40 -41.41
CA PRO G 62 -17.08 -32.11 -41.61
C PRO G 62 -17.29 -33.36 -40.74
N LEU G 75 -5.50 -24.00 -42.31
CA LEU G 75 -5.70 -22.63 -41.75
C LEU G 75 -4.74 -22.33 -40.59
N VAL G 76 -3.70 -21.53 -40.84
CA VAL G 76 -2.69 -21.14 -39.83
C VAL G 76 -2.74 -19.63 -39.67
N PHE G 77 -2.85 -19.16 -38.43
CA PHE G 77 -2.91 -17.72 -38.06
C PHE G 77 -1.59 -17.28 -37.42
N ARG G 78 -1.15 -16.06 -37.73
CA ARG G 78 -0.24 -15.27 -36.87
C ARG G 78 -0.98 -14.01 -36.45
N PHE G 79 -0.76 -13.54 -35.21
CA PHE G 79 -1.63 -12.54 -34.54
C PHE G 79 -1.04 -11.14 -34.64
N GLY G 80 0.18 -10.95 -35.14
CA GLY G 80 0.80 -9.61 -35.12
C GLY G 80 0.71 -9.01 -33.73
N MET G 81 0.28 -7.75 -33.62
CA MET G 81 0.28 -7.00 -32.34
C MET G 81 -1.01 -7.24 -31.56
N SER G 82 -2.13 -7.59 -32.21
CA SER G 82 -3.48 -7.44 -31.60
C SER G 82 -4.43 -8.61 -31.84
N GLY G 83 -4.09 -9.59 -32.69
CA GLY G 83 -5.01 -10.71 -32.97
C GLY G 83 -5.54 -11.31 -31.68
N SER G 84 -6.53 -12.19 -31.81
CA SER G 84 -7.32 -12.77 -30.68
C SER G 84 -8.50 -13.58 -31.25
N PHE G 85 -9.16 -14.43 -30.47
CA PHE G 85 -10.36 -15.20 -30.91
C PHE G 85 -11.50 -14.94 -29.92
N GLN G 86 -12.77 -14.88 -30.35
CA GLN G 86 -13.95 -14.77 -29.43
C GLN G 86 -15.18 -15.48 -30.00
N LEU G 87 -15.90 -16.25 -29.16
CA LEU G 87 -17.24 -16.79 -29.48
C LEU G 87 -18.28 -15.80 -28.95
N VAL G 88 -19.09 -15.20 -29.82
CA VAL G 88 -20.06 -14.10 -29.49
C VAL G 88 -21.44 -14.42 -30.06
N PRO G 89 -22.48 -13.69 -29.62
CA PRO G 89 -23.81 -13.79 -30.22
C PRO G 89 -23.79 -13.27 -31.66
N ARG G 90 -24.34 -14.07 -32.60
CA ARG G 90 -24.34 -13.83 -34.07
C ARG G 90 -24.54 -12.34 -34.42
N GLU G 91 -25.26 -11.60 -33.59
CA GLU G 91 -25.65 -10.19 -33.85
C GLU G 91 -24.89 -9.22 -32.94
N GLU G 92 -23.79 -9.67 -32.30
CA GLU G 92 -22.89 -8.78 -31.51
C GLU G 92 -21.43 -9.07 -31.87
N LEU G 93 -21.15 -9.23 -33.16
CA LEU G 93 -19.76 -9.26 -33.69
C LEU G 93 -19.00 -8.11 -33.05
N PRO G 94 -17.84 -8.35 -32.41
CA PRO G 94 -16.95 -7.25 -32.02
C PRO G 94 -16.45 -6.47 -33.24
N ARG G 95 -15.94 -5.26 -33.05
CA ARG G 95 -15.76 -4.25 -34.14
C ARG G 95 -14.78 -4.72 -35.22
N HIS G 96 -13.67 -5.32 -34.82
CA HIS G 96 -12.54 -5.66 -35.74
C HIS G 96 -12.55 -7.17 -36.04
N ALA G 97 -13.73 -7.77 -36.05
CA ALA G 97 -13.94 -9.20 -36.38
C ALA G 97 -13.73 -9.34 -37.89
N HIS G 98 -12.52 -9.79 -38.28
CA HIS G 98 -12.02 -9.80 -39.68
C HIS G 98 -12.29 -11.17 -40.34
N LEU G 99 -12.58 -12.20 -39.56
CA LEU G 99 -12.95 -13.55 -40.08
C LEU G 99 -13.91 -14.20 -39.08
N ARG G 100 -14.97 -14.90 -39.55
CA ARG G 100 -16.17 -15.23 -38.72
C ARG G 100 -16.81 -16.56 -39.15
N PHE G 101 -17.01 -17.48 -38.20
CA PHE G 101 -17.60 -18.82 -38.43
C PHE G 101 -18.87 -18.87 -37.62
N TYR G 102 -20.00 -19.26 -38.22
CA TYR G 102 -21.36 -19.24 -37.61
C TYR G 102 -21.81 -20.68 -37.32
N THR G 103 -22.45 -20.85 -36.17
CA THR G 103 -22.95 -22.14 -35.66
C THR G 103 -24.16 -22.59 -36.49
N LEU G 110 -24.29 -18.61 -32.72
CA LEU G 110 -22.98 -18.08 -32.22
C LEU G 110 -21.98 -17.90 -33.38
N ALA G 111 -21.09 -16.89 -33.22
CA ALA G 111 -20.05 -16.54 -34.21
C ALA G 111 -18.69 -16.59 -33.53
N LEU G 112 -17.85 -17.57 -33.90
CA LEU G 112 -16.41 -17.64 -33.55
C LEU G 112 -15.69 -16.68 -34.51
N CYS G 113 -15.13 -15.58 -33.98
CA CYS G 113 -14.60 -14.44 -34.76
C CYS G 113 -13.12 -14.27 -34.44
N PHE G 114 -12.29 -14.19 -35.49
CA PHE G 114 -10.87 -13.73 -35.43
C PHE G 114 -10.86 -12.20 -35.40
N VAL G 115 -10.55 -11.65 -34.23
CA VAL G 115 -10.50 -10.19 -33.97
C VAL G 115 -9.04 -9.74 -34.04
N ASP G 116 -8.77 -8.67 -34.78
CA ASP G 116 -7.41 -8.11 -34.98
C ASP G 116 -7.54 -6.60 -35.23
N ILE G 117 -7.59 -5.84 -34.13
CA ILE G 117 -7.76 -4.36 -34.10
C ILE G 117 -6.93 -3.72 -35.22
N ARG G 118 -5.64 -4.07 -35.30
CA ARG G 118 -4.62 -3.30 -36.08
C ARG G 118 -4.39 -3.89 -37.47
N ARG G 119 -4.81 -5.14 -37.71
CA ARG G 119 -4.72 -5.84 -39.03
C ARG G 119 -3.24 -6.14 -39.35
N PHE G 120 -2.44 -6.46 -38.34
CA PHE G 120 -1.05 -6.93 -38.53
C PHE G 120 -1.07 -8.46 -38.56
N GLY G 121 -2.08 -9.09 -37.98
CA GLY G 121 -2.30 -10.54 -38.08
C GLY G 121 -2.43 -10.96 -39.52
N ARG G 122 -2.27 -12.26 -39.78
CA ARG G 122 -2.21 -12.84 -41.15
C ARG G 122 -2.71 -14.27 -41.07
N TRP G 123 -3.36 -14.79 -42.13
CA TRP G 123 -3.69 -16.23 -42.23
C TRP G 123 -3.46 -16.76 -43.67
N ASP G 124 -3.17 -18.06 -43.78
CA ASP G 124 -2.80 -18.77 -45.03
C ASP G 124 -3.65 -20.03 -45.19
N LEU G 125 -3.85 -20.46 -46.45
CA LEU G 125 -4.63 -21.66 -46.80
C LEU G 125 -3.82 -22.92 -46.44
N GLY G 126 -2.49 -22.87 -46.55
CA GLY G 126 -1.61 -24.05 -46.53
C GLY G 126 -1.84 -25.04 -45.39
N GLY G 127 -2.35 -24.57 -44.23
CA GLY G 127 -2.43 -25.33 -42.97
C GLY G 127 -1.07 -25.71 -42.38
N LYS G 128 0.06 -25.29 -42.97
CA LYS G 128 1.42 -25.74 -42.54
C LYS G 128 2.08 -24.63 -41.72
N TRP G 129 2.96 -25.02 -40.79
CA TRP G 129 3.77 -24.08 -39.98
C TRP G 129 4.77 -23.39 -40.90
N GLN G 130 5.29 -22.26 -40.49
CA GLN G 130 6.20 -21.47 -41.34
C GLN G 130 7.49 -22.25 -41.57
N PRO G 131 7.93 -22.45 -42.83
CA PRO G 131 9.21 -23.07 -43.09
C PRO G 131 10.25 -22.17 -42.37
N GLY G 132 11.17 -22.77 -41.63
CA GLY G 132 12.28 -22.04 -40.98
C GLY G 132 12.04 -21.84 -39.50
N ARG G 133 10.80 -21.80 -39.04
CA ARG G 133 10.54 -21.59 -37.60
C ARG G 133 11.06 -22.78 -36.79
N GLY G 134 11.78 -22.48 -35.70
CA GLY G 134 12.27 -23.49 -34.74
C GLY G 134 11.12 -24.24 -34.07
N PRO G 135 11.43 -25.29 -33.28
CA PRO G 135 10.39 -26.00 -32.53
C PRO G 135 9.81 -25.10 -31.44
N CYS G 136 8.62 -25.45 -30.96
CA CYS G 136 7.84 -24.69 -29.94
C CYS G 136 8.47 -24.89 -28.57
N VAL G 137 8.91 -23.81 -27.94
CA VAL G 137 9.56 -23.88 -26.59
C VAL G 137 8.58 -24.42 -25.55
N LEU G 138 7.27 -24.32 -25.78
CA LEU G 138 6.29 -24.86 -24.80
C LEU G 138 6.13 -26.35 -25.04
N GLN G 139 5.91 -26.79 -26.28
CA GLN G 139 5.41 -28.17 -26.52
C GLN G 139 6.45 -29.05 -27.21
N GLU G 140 7.55 -28.49 -27.71
CA GLU G 140 8.64 -29.29 -28.31
C GLU G 140 9.94 -28.94 -27.60
N TYR G 141 9.92 -28.87 -26.27
CA TYR G 141 11.09 -28.42 -25.48
C TYR G 141 12.36 -29.20 -25.88
N GLN G 142 12.36 -30.52 -25.82
CA GLN G 142 13.57 -31.33 -26.10
C GLN G 142 14.05 -31.00 -27.52
N GLN G 143 13.13 -30.90 -28.47
CA GLN G 143 13.49 -30.63 -29.89
C GLN G 143 14.12 -29.24 -29.94
N PHE G 144 13.44 -28.26 -29.30
CA PHE G 144 13.89 -26.85 -29.18
C PHE G 144 15.32 -26.83 -28.64
N ARG G 145 15.59 -27.52 -27.53
CA ARG G 145 16.90 -27.48 -26.81
C ARG G 145 17.99 -27.97 -27.75
N GLU G 146 17.77 -29.13 -28.36
CA GLU G 146 18.73 -29.80 -29.27
C GLU G 146 18.99 -28.86 -30.46
N ASN G 147 17.93 -28.22 -30.98
CA ASN G 147 18.03 -27.44 -32.24
C ASN G 147 18.94 -26.22 -32.04
N VAL G 148 19.08 -25.76 -30.80
CA VAL G 148 19.93 -24.60 -30.46
C VAL G 148 21.37 -25.08 -30.29
N LEU G 149 21.61 -25.92 -29.28
CA LEU G 149 22.96 -26.41 -28.87
C LEU G 149 23.70 -27.06 -30.06
N ARG G 150 22.98 -27.69 -30.99
CA ARG G 150 23.56 -28.23 -32.26
C ARG G 150 24.08 -27.09 -33.17
N ASN G 151 23.51 -25.88 -33.09
CA ASN G 151 23.73 -24.86 -34.15
C ASN G 151 24.27 -23.53 -33.59
N LEU G 152 25.03 -23.54 -32.50
CA LEU G 152 25.65 -22.29 -31.94
C LEU G 152 26.59 -21.66 -33.00
N ALA G 153 27.05 -22.44 -33.99
CA ALA G 153 27.94 -22.00 -35.08
C ALA G 153 27.25 -20.92 -35.92
N ASP G 154 25.95 -21.04 -36.11
CA ASP G 154 25.11 -20.16 -36.98
C ASP G 154 25.33 -18.69 -36.63
N LYS G 155 25.37 -17.80 -37.63
CA LYS G 155 25.60 -16.33 -37.49
C LYS G 155 24.62 -15.72 -36.49
N ALA G 156 23.41 -16.29 -36.38
CA ALA G 156 22.33 -15.83 -35.49
C ALA G 156 22.88 -15.52 -34.09
N PHE G 157 23.87 -16.29 -33.64
CA PHE G 157 24.39 -16.28 -32.25
C PHE G 157 25.59 -15.33 -32.13
N ASP G 158 25.97 -14.66 -33.22
CA ASP G 158 26.89 -13.50 -33.17
C ASP G 158 26.18 -12.36 -32.45
N ARG G 159 24.87 -12.23 -32.69
CA ARG G 159 24.05 -11.13 -32.13
C ARG G 159 24.09 -11.17 -30.61
N PRO G 160 23.75 -10.05 -29.92
CA PRO G 160 23.51 -10.07 -28.47
C PRO G 160 22.36 -11.00 -28.06
N ILE G 161 22.38 -11.45 -26.82
CA ILE G 161 21.48 -12.55 -26.35
C ILE G 161 20.04 -12.04 -26.35
N CYS G 162 19.81 -10.78 -25.98
CA CYS G 162 18.43 -10.22 -25.95
C CYS G 162 17.88 -10.27 -27.38
N GLU G 163 18.75 -10.18 -28.40
CA GLU G 163 18.35 -10.24 -29.83
C GLU G 163 18.17 -11.69 -30.27
N ALA G 164 19.11 -12.60 -30.02
CA ALA G 164 19.02 -14.01 -30.48
C ALA G 164 17.68 -14.62 -30.01
N LEU G 165 17.23 -14.30 -28.80
CA LEU G 165 16.01 -14.85 -28.15
C LEU G 165 14.74 -14.49 -28.93
N LEU G 166 14.82 -13.52 -29.84
CA LEU G 166 13.68 -13.10 -30.70
C LEU G 166 13.76 -13.83 -32.05
N ASP G 167 14.92 -14.36 -32.44
CA ASP G 167 15.08 -15.12 -33.71
C ASP G 167 14.20 -16.38 -33.62
N GLN G 168 13.07 -16.40 -34.33
CA GLN G 168 12.07 -17.49 -34.24
C GLN G 168 12.58 -18.75 -34.90
N ARG G 169 13.74 -18.71 -35.55
CA ARG G 169 14.36 -19.91 -36.11
C ARG G 169 14.84 -20.84 -34.98
N PHE G 170 15.21 -20.29 -33.82
CA PHE G 170 15.72 -21.06 -32.65
C PHE G 170 14.79 -20.91 -31.43
N PHE G 171 13.99 -19.84 -31.34
CA PHE G 171 13.19 -19.54 -30.14
C PHE G 171 11.73 -19.25 -30.50
N ASN G 172 11.14 -20.06 -31.40
CA ASN G 172 9.71 -19.97 -31.78
C ASN G 172 8.86 -19.85 -30.51
N GLY G 173 8.22 -18.70 -30.30
CA GLY G 173 7.28 -18.50 -29.17
C GLY G 173 7.80 -17.46 -28.19
N ILE G 174 9.12 -17.27 -28.11
CA ILE G 174 9.71 -16.21 -27.26
C ILE G 174 9.60 -14.85 -27.97
N GLY G 175 9.10 -13.85 -27.25
CA GLY G 175 9.02 -12.46 -27.71
C GLY G 175 9.44 -11.50 -26.63
N ASN G 176 9.06 -10.25 -26.80
CA ASN G 176 9.77 -9.09 -26.20
C ASN G 176 9.58 -9.06 -24.68
N TYR G 177 8.44 -9.53 -24.18
CA TYR G 177 8.17 -9.56 -22.72
C TYR G 177 8.86 -10.79 -22.12
N LEU G 178 8.80 -11.95 -22.79
CA LEU G 178 9.44 -13.18 -22.28
C LEU G 178 10.96 -13.01 -22.23
N ARG G 179 11.60 -12.40 -23.23
CA ARG G 179 13.08 -12.31 -23.22
C ARG G 179 13.50 -11.54 -21.98
N ALA G 180 12.81 -10.44 -21.67
CA ALA G 180 13.05 -9.56 -20.50
C ALA G 180 12.90 -10.37 -19.21
N GLU G 181 11.78 -11.07 -19.10
CA GLU G 181 11.43 -11.88 -17.92
C GLU G 181 12.48 -12.96 -17.72
N ILE G 182 12.89 -13.62 -18.80
CA ILE G 182 13.81 -14.80 -18.76
C ILE G 182 15.18 -14.32 -18.27
N LEU G 183 15.77 -13.32 -18.92
CA LEU G 183 17.12 -12.83 -18.57
C LEU G 183 17.12 -12.32 -17.13
N TYR G 184 16.04 -11.67 -16.69
CA TYR G 184 15.96 -11.14 -15.31
C TYR G 184 16.24 -12.32 -14.35
N ARG G 185 15.58 -13.46 -14.59
CA ARG G 185 15.66 -14.68 -13.73
C ARG G 185 17.13 -15.12 -13.54
N LEU G 186 17.97 -14.94 -14.56
CA LEU G 186 19.39 -15.39 -14.52
C LEU G 186 20.32 -14.17 -14.43
N LYS G 187 19.76 -12.96 -14.45
CA LYS G 187 20.52 -11.67 -14.42
C LYS G 187 21.63 -11.69 -15.48
N ILE G 188 21.41 -12.35 -16.63
CA ILE G 188 22.34 -12.32 -17.80
C ILE G 188 22.16 -10.94 -18.44
N PRO G 189 23.24 -10.14 -18.58
CA PRO G 189 23.14 -8.88 -19.31
C PRO G 189 22.56 -9.11 -20.70
N PRO G 190 21.56 -8.29 -21.10
CA PRO G 190 20.90 -8.49 -22.39
C PRO G 190 21.82 -8.30 -23.62
N PHE G 191 22.92 -7.56 -23.49
CA PHE G 191 23.83 -7.29 -24.64
C PHE G 191 25.13 -8.10 -24.49
N GLU G 192 25.16 -9.04 -23.54
CA GLU G 192 26.09 -10.21 -23.59
C GLU G 192 25.89 -10.88 -24.95
N LYS G 193 26.95 -11.42 -25.54
CA LYS G 193 26.92 -12.10 -26.87
C LYS G 193 26.28 -13.48 -26.69
N ALA G 194 25.36 -13.84 -27.58
CA ALA G 194 24.51 -15.05 -27.41
C ALA G 194 25.36 -16.31 -27.36
N ARG G 195 26.37 -16.43 -28.24
CA ARG G 195 27.24 -17.63 -28.29
C ARG G 195 27.90 -17.86 -26.91
N SER G 196 28.45 -16.81 -26.29
CA SER G 196 29.12 -16.85 -24.96
C SER G 196 28.22 -17.51 -23.91
N VAL G 197 26.96 -17.07 -23.82
CA VAL G 197 26.00 -17.52 -22.77
C VAL G 197 25.61 -18.98 -23.02
N LEU G 198 25.54 -19.39 -24.28
CA LEU G 198 24.97 -20.71 -24.71
C LEU G 198 26.07 -21.80 -24.78
N GLU G 199 27.29 -21.45 -25.21
CA GLU G 199 28.40 -22.43 -25.43
C GLU G 199 28.47 -23.39 -24.23
N ALA G 200 28.25 -22.84 -23.02
CA ALA G 200 28.30 -23.49 -21.69
C ALA G 200 27.57 -24.86 -21.65
N LEU G 201 26.40 -25.00 -22.30
CA LEU G 201 25.41 -26.07 -21.95
C LEU G 201 25.55 -27.29 -22.86
N PRO G 223 18.72 -23.94 -12.74
CA PRO G 223 18.21 -24.11 -14.10
C PRO G 223 18.76 -23.04 -15.06
N ASP G 224 19.00 -23.42 -16.32
CA ASP G 224 19.82 -22.65 -17.28
C ASP G 224 18.91 -21.86 -18.22
N LEU G 225 19.52 -21.14 -19.16
CA LEU G 225 18.79 -20.22 -20.06
C LEU G 225 17.70 -20.97 -20.84
N LEU G 226 17.98 -22.19 -21.30
CA LEU G 226 17.04 -22.91 -22.19
C LEU G 226 15.93 -23.55 -21.37
N GLU G 227 16.21 -24.03 -20.15
CA GLU G 227 15.18 -24.52 -19.20
C GLU G 227 14.11 -23.43 -19.01
N LEU G 228 14.53 -22.18 -18.84
CA LEU G 228 13.60 -21.05 -18.57
C LEU G 228 12.76 -20.70 -19.81
N CYS G 229 13.36 -20.74 -21.00
CA CYS G 229 12.65 -20.55 -22.32
C CYS G 229 11.44 -21.48 -22.42
N HIS G 230 11.45 -22.59 -21.71
CA HIS G 230 10.26 -23.48 -21.54
C HIS G 230 9.43 -23.08 -20.33
N SER G 231 10.05 -23.00 -19.15
CA SER G 231 9.32 -22.99 -17.84
C SER G 231 8.65 -21.63 -17.61
N VAL G 232 9.30 -20.54 -18.02
CA VAL G 232 8.76 -19.18 -17.76
C VAL G 232 7.48 -18.95 -18.57
N PRO G 233 7.46 -19.12 -19.91
CA PRO G 233 6.20 -19.08 -20.64
C PRO G 233 5.16 -20.09 -20.12
N LYS G 234 5.59 -21.21 -19.52
CA LYS G 234 4.63 -22.20 -18.98
C LYS G 234 3.91 -21.60 -17.76
N GLU G 235 4.54 -20.64 -17.07
CA GLU G 235 3.97 -19.92 -15.89
C GLU G 235 2.85 -19.00 -16.36
N VAL G 236 3.04 -18.37 -17.51
CA VAL G 236 2.00 -17.52 -18.16
C VAL G 236 0.79 -18.40 -18.50
N VAL G 237 1.03 -19.60 -19.00
CA VAL G 237 -0.06 -20.54 -19.41
C VAL G 237 -0.87 -20.97 -18.19
N GLN G 238 -0.26 -20.99 -17.01
CA GLN G 238 -0.92 -21.46 -15.77
C GLN G 238 -1.74 -20.33 -15.10
N LEU G 239 -1.78 -19.13 -15.65
CA LEU G 239 -2.68 -18.05 -15.14
C LEU G 239 -4.11 -18.26 -15.66
N GLY G 240 -4.28 -18.75 -16.91
CA GLY G 240 -5.61 -19.07 -17.48
C GLY G 240 -6.41 -17.83 -17.87
N GLY G 249 -12.75 -11.06 -18.78
CA GLY G 249 -12.72 -9.95 -17.80
C GLY G 249 -11.39 -9.22 -17.79
N GLU G 250 -11.42 -7.89 -17.68
CA GLU G 250 -10.22 -7.04 -17.47
C GLU G 250 -9.73 -7.22 -16.04
N GLU G 251 -9.45 -8.48 -15.68
CA GLU G 251 -9.07 -8.99 -14.33
C GLU G 251 -7.94 -10.02 -14.50
N ASP G 252 -7.99 -10.82 -15.58
CA ASP G 252 -6.86 -11.65 -16.09
C ASP G 252 -5.69 -10.73 -16.46
N PHE G 253 -5.99 -9.54 -17.02
CA PHE G 253 -4.98 -8.53 -17.44
C PHE G 253 -4.09 -8.16 -16.24
N ALA G 254 -4.73 -7.87 -15.10
CA ALA G 254 -4.06 -7.46 -13.84
C ALA G 254 -3.25 -8.63 -13.25
N ALA G 255 -3.75 -9.87 -13.41
CA ALA G 255 -3.10 -11.13 -12.95
C ALA G 255 -1.75 -11.31 -13.65
N PHE G 256 -1.68 -10.96 -14.94
CA PHE G 256 -0.45 -10.93 -15.75
C PHE G 256 0.50 -9.83 -15.26
N ARG G 257 0.05 -8.58 -15.19
CA ARG G 257 0.92 -7.43 -14.83
C ARG G 257 1.63 -7.70 -13.49
N ALA G 258 0.99 -8.47 -12.60
CA ALA G 258 1.49 -8.80 -11.24
C ALA G 258 2.52 -9.93 -11.31
N TRP G 259 2.36 -10.84 -12.29
CA TRP G 259 3.33 -11.93 -12.59
C TRP G 259 4.65 -11.30 -13.04
N LEU G 260 4.57 -10.27 -13.88
CA LEU G 260 5.76 -9.60 -14.46
C LEU G 260 6.66 -9.16 -13.31
N ARG G 261 7.98 -9.34 -13.47
CA ARG G 261 9.00 -8.96 -12.47
C ARG G 261 9.93 -7.89 -13.04
N CYS G 262 10.12 -7.88 -14.36
CA CYS G 262 11.08 -6.99 -15.05
C CYS G 262 10.35 -6.06 -16.04
N TYR G 263 9.67 -6.64 -17.03
CA TYR G 263 9.12 -5.96 -18.23
C TYR G 263 8.17 -4.83 -17.80
N GLY G 264 8.64 -3.58 -17.87
CA GLY G 264 7.85 -2.36 -17.62
C GLY G 264 7.88 -1.93 -16.16
N MET G 265 8.44 -2.74 -15.27
CA MET G 265 8.38 -2.47 -13.81
C MET G 265 9.21 -1.24 -13.50
N PRO G 266 8.64 -0.24 -12.78
CA PRO G 266 9.40 0.97 -12.42
C PRO G 266 10.68 0.51 -11.72
N GLY G 267 11.77 1.27 -11.86
CA GLY G 267 13.11 0.90 -11.33
C GLY G 267 13.97 0.20 -12.37
N MET G 268 13.38 -0.56 -13.31
CA MET G 268 14.14 -1.33 -14.32
C MET G 268 14.62 -0.39 -15.43
N SER G 269 15.84 -0.62 -15.93
CA SER G 269 16.41 0.06 -17.12
C SER G 269 15.78 -0.54 -18.36
N SER G 270 15.86 0.15 -19.50
CA SER G 270 15.39 -0.35 -20.81
C SER G 270 16.12 0.39 -21.92
N LEU G 271 16.43 -0.29 -23.02
CA LEU G 271 17.10 0.31 -24.21
C LEU G 271 16.47 -0.30 -25.47
N GLN G 272 16.91 0.18 -26.62
CA GLN G 272 16.52 -0.32 -27.96
C GLN G 272 17.58 -1.30 -28.43
N ASP G 273 17.20 -2.54 -28.77
CA ASP G 273 18.10 -3.52 -29.45
C ASP G 273 18.38 -2.98 -30.85
N ARG G 274 19.29 -3.62 -31.59
CA ARG G 274 19.76 -3.13 -32.92
C ARG G 274 18.58 -3.07 -33.91
N HIS G 275 17.38 -3.54 -33.56
CA HIS G 275 16.16 -3.49 -34.43
C HIS G 275 15.04 -2.66 -33.80
N GLY G 276 15.36 -1.71 -32.92
CA GLY G 276 14.40 -0.74 -32.38
C GLY G 276 13.55 -1.29 -31.24
N ARG G 277 13.56 -2.60 -30.98
CA ARG G 277 12.69 -3.25 -29.97
C ARG G 277 13.30 -3.05 -28.58
N THR G 278 12.44 -2.79 -27.59
CA THR G 278 12.79 -2.36 -26.21
C THR G 278 13.10 -3.58 -25.34
N ILE G 279 14.29 -3.66 -24.73
CA ILE G 279 14.64 -4.74 -23.76
C ILE G 279 14.61 -4.14 -22.36
N TRP G 280 13.83 -4.73 -21.46
CA TRP G 280 13.81 -4.38 -20.02
C TRP G 280 14.80 -5.29 -19.28
N PHE G 281 15.66 -4.71 -18.46
CA PHE G 281 16.67 -5.44 -17.65
C PHE G 281 16.90 -4.72 -16.31
N GLN G 282 17.58 -5.38 -15.37
CA GLN G 282 17.58 -5.02 -13.92
C GLN G 282 19.01 -4.83 -13.41
N GLY G 283 19.92 -4.39 -14.29
CA GLY G 283 21.32 -4.09 -13.93
C GLY G 283 22.21 -3.85 -15.12
N ASP G 284 23.32 -4.59 -15.20
CA ASP G 284 24.42 -4.40 -16.20
C ASP G 284 23.87 -4.63 -17.61
N PRO G 285 23.92 -3.61 -18.50
CA PRO G 285 23.48 -3.75 -19.88
C PRO G 285 24.28 -4.77 -20.70
N GLY G 286 25.60 -4.84 -20.50
CA GLY G 286 26.50 -5.82 -21.17
C GLY G 286 27.17 -5.22 -22.41
N PRO G 287 28.20 -5.90 -22.98
CA PRO G 287 29.11 -5.29 -23.95
C PRO G 287 28.50 -4.72 -25.25
N LEU G 288 27.56 -5.41 -25.90
CA LEU G 288 27.20 -5.11 -27.32
C LEU G 288 26.10 -4.05 -27.42
N ALA G 289 26.47 -2.77 -27.34
CA ALA G 289 25.57 -1.59 -27.53
C ALA G 289 24.53 -1.88 -28.62
#